data_6DES
#
_entry.id   6DES
#
_cell.length_a   175.775
_cell.length_b   175.775
_cell.length_c   177.338
_cell.angle_alpha   90.00
_cell.angle_beta   90.00
_cell.angle_gamma   120.00
#
_symmetry.space_group_name_H-M   'P 62 2 2'
#
loop_
_entity.id
_entity.type
_entity.pdbx_description
1 polymer 'Acetolactate synthase'
2 non-polymer 'FLAVIN-ADENINE DINUCLEOTIDE'
3 non-polymer 'POTASSIUM ION'
4 non-polymer 'MAGNESIUM ION'
5 non-polymer 'methyl 2-[(4-methyl-5-oxidanylidene-3-propoxy-1,2,4-triazol-1-yl)carbonylsulfamoyl]benzoate'
6 non-polymer '2-{3-[(4-AMINO-2-METHYLPYRIMIDIN-5-YL)METHYL]-4-METHYL-2-OXO-2,3-DIHYDRO-1,3-THIAZOL-5-YL}ETHYL TRIHYDROGEN DIPHOSPHATE'
7 water water
#
_entity_poly.entity_id   1
_entity_poly.type   'polypeptide(L)'
_entity_poly.pdbx_seq_one_letter_code
;MHHHHHHSSGLVPRGSGMKETAAAKFERQHMDSPDLGTDDDDKAMAFNTADTSTQPIINDPTLNKHQSSAISRKKKEQLM
DDSFIGLTGGEIFHEMMLRHKVDTVFGYAGGAILPVFDAIYNSDKFKFVLPRHEQGAGHMAEGYARASGKPGVVLVTSGP
GATNVITPMADALMDGVPLVVFSGQVPTTAIGTDAFQEADIVGISRSCTKWNVMVKNVAELPRRINEAFEIATTGRPGPV
LVDLPKDVTASILRESIPINTTLPSNALSQITKKAVSEFTSEAIKRAANILNKAKKPIIYAGAGILNNEQGPKLLKELAD
KANIPVTTTLQGLGAFDQRDPKSLDMLGMHGSAAANTAIQNADCIIALGARFDDRVTGNISKFAPEAKLAASEGRGGILH
FEISPKNINKVVEATEAIEGDVTANLQSFIPLVDSIENRPEWFNKINEWKKKYPYSYQLETPGSLIKPQTLIKEISDQAQ
TYNKEVIVTTGVGQHQMWAAQHFTWTQPRTMITSGGLGTMGYGLPAAIGAQVAKPDAIVIDIDGDASFNMTLTELSSAVQ
AGAPIKVCVLNNEEQGMVTQWQSLFYEHRYSHTHQSNPDFMKLAESMNVKGIRITNQQELKSGVKEFLDATEPVLLEVIV
EKKVPVLPMVPAGKALDDFILWDAEVEKQQNDLRKERTGGKY
;
_entity_poly.pdbx_strand_id   A
#
loop_
_chem_comp.id
_chem_comp.type
_chem_comp.name
_chem_comp.formula
6R4 non-polymer 'methyl 2-[(4-methyl-5-oxidanylidene-3-propoxy-1,2,4-triazol-1-yl)carbonylsulfamoyl]benzoate' 'C15 H18 N4 O7 S'
FAD non-polymer 'FLAVIN-ADENINE DINUCLEOTIDE' 'C27 H33 N9 O15 P2'
K non-polymer 'POTASSIUM ION' 'K 1'
MG non-polymer 'MAGNESIUM ION' 'Mg 2'
TZD non-polymer '2-{3-[(4-AMINO-2-METHYLPYRIMIDIN-5-YL)METHYL]-4-METHYL-2-OXO-2,3-DIHYDRO-1,3-THIAZOL-5-YL}ETHYL TRIHYDROGEN DIPHOSPHATE' 'C12 H18 N4 O8 P2 S'
#
# COMPACT_ATOMS: atom_id res chain seq x y z
N LYS A 76 -44.67 2.93 14.82
CA LYS A 76 -43.59 3.49 15.62
C LYS A 76 -42.82 2.39 16.35
N GLU A 77 -43.57 1.43 16.89
CA GLU A 77 -42.98 0.27 17.54
C GLU A 77 -42.17 -0.53 16.52
N GLN A 78 -42.57 -0.42 15.26
CA GLN A 78 -41.90 -1.13 14.17
C GLN A 78 -40.57 -0.47 13.81
N LEU A 79 -40.44 0.82 14.13
CA LEU A 79 -39.25 1.58 13.77
C LEU A 79 -38.23 1.65 14.90
N MET A 80 -38.66 1.33 16.12
CA MET A 80 -37.75 1.30 17.25
C MET A 80 -37.30 -0.11 17.56
N ASP A 81 -36.09 -0.24 18.11
CA ASP A 81 -35.55 -1.53 18.51
C ASP A 81 -35.22 -1.54 19.98
N ASP A 82 -35.62 -2.61 20.67
CA ASP A 82 -35.37 -2.72 22.10
C ASP A 82 -34.47 -3.92 22.41
N SER A 83 -34.03 -4.61 21.36
CA SER A 83 -33.27 -5.83 21.51
C SER A 83 -31.89 -5.64 22.15
N PHE A 84 -31.40 -4.40 22.19
CA PHE A 84 -30.10 -4.13 22.81
C PHE A 84 -30.24 -3.68 24.26
N ILE A 85 -31.48 -3.44 24.69
CA ILE A 85 -31.71 -2.96 26.06
C ILE A 85 -31.22 -4.00 27.06
N GLY A 86 -30.46 -3.55 28.05
CA GLY A 86 -29.92 -4.45 29.05
C GLY A 86 -28.48 -4.81 28.79
N LEU A 87 -27.98 -4.50 27.60
CA LEU A 87 -26.58 -4.76 27.26
C LEU A 87 -25.68 -3.60 27.66
N THR A 88 -24.43 -3.89 28.00
CA THR A 88 -23.43 -2.83 28.16
C THR A 88 -22.98 -2.34 26.79
N GLY A 89 -22.39 -1.15 26.77
CA GLY A 89 -21.80 -0.63 25.55
C GLY A 89 -20.81 -1.60 24.94
N GLY A 90 -20.04 -2.28 25.79
CA GLY A 90 -19.11 -3.29 25.33
C GLY A 90 -19.79 -4.44 24.61
N GLU A 91 -20.88 -4.94 25.18
CA GLU A 91 -21.63 -6.04 24.58
C GLU A 91 -22.29 -5.61 23.27
N ILE A 92 -22.68 -4.34 23.21
CA ILE A 92 -23.27 -3.78 22.00
C ILE A 92 -22.20 -3.67 20.91
N PHE A 93 -20.99 -3.29 21.31
CA PHE A 93 -19.86 -3.24 20.39
C PHE A 93 -19.61 -4.62 19.78
N HIS A 94 -19.60 -5.64 20.62
CA HIS A 94 -19.40 -7.01 20.18
C HIS A 94 -20.44 -7.39 19.13
N GLU A 95 -21.70 -7.13 19.44
CA GLU A 95 -22.80 -7.45 18.52
C GLU A 95 -22.69 -6.72 17.17
N MET A 96 -22.32 -5.44 17.21
CA MET A 96 -22.18 -4.65 15.99
C MET A 96 -21.00 -5.12 15.14
N MET A 97 -19.94 -5.60 15.77
CA MET A 97 -18.83 -6.20 15.02
C MET A 97 -19.34 -7.35 14.15
N LEU A 98 -20.14 -8.21 14.77
CA LEU A 98 -20.73 -9.35 14.08
C LEU A 98 -21.60 -8.92 12.92
N ARG A 99 -22.46 -7.93 13.16
CA ARG A 99 -23.37 -7.46 12.12
C ARG A 99 -22.61 -6.77 10.98
N HIS A 100 -21.37 -6.38 11.23
CA HIS A 100 -20.55 -5.78 10.18
C HIS A 100 -19.61 -6.80 9.56
N LYS A 101 -19.82 -8.07 9.91
CA LYS A 101 -19.06 -9.20 9.33
C LYS A 101 -17.56 -9.09 9.62
N VAL A 102 -17.22 -8.48 10.76
CA VAL A 102 -15.83 -8.42 11.21
C VAL A 102 -15.39 -9.80 11.69
N ASP A 103 -14.32 -10.34 11.12
CA ASP A 103 -13.87 -11.66 11.54
C ASP A 103 -12.50 -11.60 12.23
N THR A 104 -11.91 -10.40 12.25
CA THR A 104 -10.59 -10.22 12.83
C THR A 104 -10.48 -8.84 13.48
N VAL A 105 -9.98 -8.81 14.71
CA VAL A 105 -9.71 -7.57 15.40
C VAL A 105 -8.24 -7.52 15.85
N PHE A 106 -7.57 -6.40 15.61
CA PHE A 106 -6.19 -6.21 16.05
C PHE A 106 -6.18 -5.21 17.19
N GLY A 107 -5.62 -5.59 18.34
CA GLY A 107 -5.67 -4.69 19.47
C GLY A 107 -4.83 -5.01 20.67
N TYR A 108 -4.92 -4.14 21.67
CA TYR A 108 -4.06 -4.21 22.85
C TYR A 108 -4.82 -3.57 24.01
N ALA A 109 -4.87 -4.25 25.15
CA ALA A 109 -5.72 -3.82 26.27
C ALA A 109 -5.14 -2.68 27.09
N GLY A 110 -5.99 -2.13 27.96
CA GLY A 110 -5.62 -1.08 28.89
C GLY A 110 -6.86 -0.69 29.68
N GLY A 111 -6.69 0.15 30.69
CA GLY A 111 -7.77 0.48 31.60
C GLY A 111 -9.05 1.02 30.97
N ALA A 112 -8.91 2.02 30.12
CA ALA A 112 -10.06 2.71 29.57
C ALA A 112 -10.93 1.85 28.67
N ILE A 113 -10.35 0.80 28.09
CA ILE A 113 -11.04 -0.02 27.10
C ILE A 113 -11.41 -1.39 27.70
N LEU A 114 -11.18 -1.55 29.00
CA LEU A 114 -11.52 -2.79 29.70
C LEU A 114 -12.98 -3.27 29.53
N PRO A 115 -13.98 -2.35 29.56
CA PRO A 115 -15.35 -2.86 29.41
C PRO A 115 -15.60 -3.54 28.06
N VAL A 116 -14.93 -3.07 27.02
CA VAL A 116 -15.06 -3.71 25.71
C VAL A 116 -14.30 -5.05 25.69
N PHE A 117 -13.12 -5.08 26.30
CA PHE A 117 -12.34 -6.32 26.36
C PHE A 117 -13.05 -7.39 27.19
N ASP A 118 -13.72 -6.99 28.25
CA ASP A 118 -14.54 -7.93 29.01
C ASP A 118 -15.67 -8.52 28.16
N ALA A 119 -16.25 -7.69 27.30
CA ALA A 119 -17.34 -8.14 26.43
C ALA A 119 -16.89 -9.11 25.34
N ILE A 120 -15.66 -8.96 24.84
CA ILE A 120 -15.19 -9.81 23.75
C ILE A 120 -14.38 -10.99 24.30
N TYR A 121 -14.40 -11.14 25.62
CA TYR A 121 -13.68 -12.20 26.30
C TYR A 121 -14.10 -13.59 25.80
N ASN A 122 -13.12 -14.34 25.31
CA ASN A 122 -13.35 -15.68 24.75
C ASN A 122 -14.44 -15.71 23.68
N SER A 123 -14.56 -14.63 22.92
CA SER A 123 -15.48 -14.64 21.78
C SER A 123 -14.99 -15.62 20.74
N ASP A 124 -15.91 -16.41 20.19
CA ASP A 124 -15.58 -17.31 19.10
C ASP A 124 -16.06 -16.72 17.78
N LYS A 125 -16.59 -15.51 17.84
CA LYS A 125 -17.16 -14.85 16.67
C LYS A 125 -16.12 -14.13 15.80
N PHE A 126 -14.92 -13.90 16.35
CA PHE A 126 -13.83 -13.37 15.52
C PHE A 126 -12.49 -13.70 16.13
N LYS A 127 -11.45 -13.62 15.30
CA LYS A 127 -10.09 -13.84 15.75
C LYS A 127 -9.50 -12.55 16.28
N PHE A 128 -8.93 -12.59 17.48
CA PHE A 128 -8.25 -11.42 18.03
C PHE A 128 -6.76 -11.58 17.83
N VAL A 129 -6.10 -10.54 17.35
CA VAL A 129 -4.65 -10.60 17.14
C VAL A 129 -3.95 -9.59 18.05
N LEU A 130 -3.05 -10.10 18.87
CA LEU A 130 -2.36 -9.29 19.86
C LEU A 130 -0.93 -8.99 19.42
N PRO A 131 -0.62 -7.72 19.14
CA PRO A 131 0.74 -7.34 18.74
C PRO A 131 1.59 -7.10 19.98
N ARG A 132 2.80 -6.58 19.80
CA ARG A 132 3.63 -6.19 20.94
C ARG A 132 3.50 -4.69 21.19
N HIS A 133 3.00 -3.95 20.20
CA HIS A 133 2.96 -2.49 20.22
C HIS A 133 1.75 -2.06 19.39
N GLU A 134 1.06 -1.00 19.80
CA GLU A 134 -0.15 -0.62 19.07
C GLU A 134 0.11 -0.17 17.63
N GLN A 135 1.31 0.36 17.35
CA GLN A 135 1.68 0.66 15.96
C GLN A 135 1.63 -0.63 15.15
N GLY A 136 2.04 -1.72 15.79
CA GLY A 136 1.96 -3.04 15.17
C GLY A 136 0.53 -3.38 14.82
N ALA A 137 -0.39 -3.16 15.75
CA ALA A 137 -1.79 -3.44 15.50
C ALA A 137 -2.31 -2.66 14.28
N GLY A 138 -1.96 -1.37 14.25
CA GLY A 138 -2.35 -0.51 13.14
C GLY A 138 -1.87 -1.00 11.79
N HIS A 139 -0.59 -1.32 11.67
CA HIS A 139 -0.05 -1.76 10.38
C HIS A 139 -0.54 -3.16 10.04
N MET A 140 -0.75 -3.99 11.05
CA MET A 140 -1.33 -5.32 10.82
C MET A 140 -2.71 -5.17 10.20
N ALA A 141 -3.50 -4.26 10.75
CA ALA A 141 -4.85 -4.04 10.27
C ALA A 141 -4.84 -3.47 8.85
N GLU A 142 -3.84 -2.64 8.55
CA GLU A 142 -3.67 -2.14 7.20
C GLU A 142 -3.36 -3.29 6.23
N GLY A 143 -2.42 -4.15 6.60
CA GLY A 143 -2.07 -5.30 5.78
C GLY A 143 -3.28 -6.22 5.58
N TYR A 144 -4.04 -6.42 6.65
CA TYR A 144 -5.26 -7.22 6.58
C TYR A 144 -6.24 -6.59 5.60
N ALA A 145 -6.38 -5.29 5.70
CA ALA A 145 -7.33 -4.57 4.88
C ALA A 145 -6.91 -4.60 3.40
N ARG A 146 -5.63 -4.40 3.11
CA ARG A 146 -5.15 -4.40 1.72
C ARG A 146 -5.28 -5.79 1.09
N ALA A 147 -5.08 -6.84 1.88
CA ALA A 147 -5.13 -8.20 1.35
C ALA A 147 -6.56 -8.69 1.14
N SER A 148 -7.47 -8.27 2.02
CA SER A 148 -8.82 -8.81 2.04
C SER A 148 -9.84 -7.93 1.33
N GLY A 149 -9.58 -6.64 1.22
CA GLY A 149 -10.60 -5.73 0.77
C GLY A 149 -11.66 -5.40 1.83
N LYS A 150 -11.46 -5.88 3.06
CA LYS A 150 -12.36 -5.55 4.18
C LYS A 150 -11.72 -4.45 5.04
N PRO A 151 -12.53 -3.72 5.81
CA PRO A 151 -11.91 -2.76 6.74
C PRO A 151 -11.08 -3.47 7.81
N GLY A 152 -9.92 -2.90 8.15
CA GLY A 152 -9.10 -3.44 9.21
C GLY A 152 -9.50 -2.80 10.53
N VAL A 153 -9.80 -3.63 11.53
CA VAL A 153 -10.33 -3.11 12.78
C VAL A 153 -9.32 -3.14 13.92
N VAL A 154 -9.12 -1.98 14.54
CA VAL A 154 -8.16 -1.80 15.61
C VAL A 154 -8.86 -1.44 16.92
N LEU A 155 -8.40 -2.05 18.03
CA LEU A 155 -9.01 -1.82 19.34
C LEU A 155 -7.93 -1.55 20.39
N VAL A 156 -7.83 -0.31 20.84
CA VAL A 156 -6.75 0.08 21.75
C VAL A 156 -7.29 0.89 22.91
N THR A 157 -6.45 1.12 23.91
CA THR A 157 -6.87 1.85 25.10
C THR A 157 -6.62 3.34 24.92
N SER A 158 -6.85 4.11 25.97
CA SER A 158 -6.69 5.56 25.91
C SER A 158 -5.23 5.98 25.94
N GLY A 159 -5.01 7.28 25.83
CA GLY A 159 -3.69 7.85 26.00
C GLY A 159 -2.65 7.30 25.05
N PRO A 160 -1.60 6.67 25.60
CA PRO A 160 -0.50 6.18 24.77
C PRO A 160 -0.96 5.05 23.86
N GLY A 161 -2.03 4.36 24.24
CA GLY A 161 -2.57 3.31 23.40
C GLY A 161 -3.07 3.92 22.10
N ALA A 162 -3.70 5.09 22.23
CA ALA A 162 -4.30 5.77 21.10
C ALA A 162 -3.26 6.54 20.29
N THR A 163 -2.36 7.26 20.95
CA THR A 163 -1.36 8.03 20.20
C THR A 163 -0.40 7.10 19.44
N ASN A 164 -0.26 5.86 19.89
CA ASN A 164 0.59 4.90 19.19
C ASN A 164 0.06 4.44 17.83
N VAL A 165 -1.21 4.74 17.54
N VAL A 165 -1.21 4.71 17.53
CA VAL A 165 -1.83 4.34 16.27
CA VAL A 165 -1.75 4.32 16.22
C VAL A 165 -1.84 5.50 15.25
C VAL A 165 -1.92 5.52 15.30
N ILE A 166 -1.29 6.64 15.64
CA ILE A 166 -1.31 7.82 14.77
C ILE A 166 -0.55 7.60 13.44
N THR A 167 0.66 7.03 13.50
CA THR A 167 1.40 6.78 12.28
C THR A 167 0.65 5.83 11.33
N PRO A 168 0.11 4.70 11.84
CA PRO A 168 -0.73 3.88 10.96
C PRO A 168 -1.96 4.58 10.38
N MET A 169 -2.61 5.46 11.15
CA MET A 169 -3.77 6.19 10.63
C MET A 169 -3.33 7.14 9.50
N ALA A 170 -2.23 7.86 9.73
CA ALA A 170 -1.71 8.78 8.71
C ALA A 170 -1.28 7.98 7.48
N ASP A 171 -0.72 6.81 7.73
CA ASP A 171 -0.32 5.90 6.67
C ASP A 171 -1.54 5.48 5.84
N ALA A 172 -2.60 5.10 6.55
CA ALA A 172 -3.81 4.60 5.93
C ALA A 172 -4.51 5.68 5.10
N LEU A 173 -4.49 6.91 5.62
CA LEU A 173 -5.05 8.05 4.91
C LEU A 173 -4.36 8.29 3.56
N MET A 174 -3.03 8.32 3.58
N MET A 174 -3.04 8.29 3.53
CA MET A 174 -2.25 8.57 2.38
CA MET A 174 -2.34 8.60 2.28
C MET A 174 -2.43 7.47 1.32
C MET A 174 -2.29 7.44 1.31
N ASP A 175 -2.61 6.23 1.77
CA ASP A 175 -2.71 5.09 0.85
C ASP A 175 -4.14 4.60 0.65
N GLY A 176 -5.13 5.34 1.17
CA GLY A 176 -6.51 4.98 0.95
C GLY A 176 -6.92 3.62 1.51
N VAL A 177 -6.50 3.35 2.74
CA VAL A 177 -6.77 2.08 3.40
C VAL A 177 -7.91 2.18 4.43
N PRO A 178 -8.93 1.32 4.31
CA PRO A 178 -10.08 1.40 5.22
C PRO A 178 -9.75 0.85 6.61
N LEU A 179 -9.47 1.76 7.52
CA LEU A 179 -9.05 1.41 8.87
C LEU A 179 -10.08 1.95 9.85
N VAL A 180 -10.64 1.07 10.67
CA VAL A 180 -11.57 1.56 11.69
C VAL A 180 -10.94 1.38 13.08
N VAL A 181 -10.51 2.49 13.66
CA VAL A 181 -9.82 2.48 14.93
C VAL A 181 -10.74 2.81 16.11
N PHE A 182 -10.87 1.88 17.05
CA PHE A 182 -11.63 2.12 18.28
C PHE A 182 -10.67 2.32 19.44
N SER A 183 -10.70 3.52 20.02
CA SER A 183 -9.82 3.84 21.12
C SER A 183 -10.59 4.08 22.41
N GLY A 184 -10.17 3.42 23.48
CA GLY A 184 -10.74 3.67 24.79
C GLY A 184 -10.48 5.11 25.19
N GLN A 185 -11.33 5.65 26.04
CA GLN A 185 -11.11 7.00 26.54
C GLN A 185 -11.47 7.02 28.02
N VAL A 186 -10.86 7.94 28.76
CA VAL A 186 -11.19 8.12 30.17
C VAL A 186 -12.68 8.46 30.29
N PRO A 187 -13.29 8.19 31.46
CA PRO A 187 -14.72 8.47 31.64
C PRO A 187 -15.08 9.92 31.27
N THR A 188 -16.29 10.13 30.78
CA THR A 188 -16.73 11.48 30.39
C THR A 188 -16.55 12.49 31.51
N THR A 189 -16.68 12.05 32.77
CA THR A 189 -16.50 12.94 33.91
C THR A 189 -15.05 13.41 34.11
N ALA A 190 -14.11 12.79 33.40
CA ALA A 190 -12.70 13.13 33.57
C ALA A 190 -12.10 13.83 32.33
N ILE A 191 -12.86 13.87 31.25
CA ILE A 191 -12.36 14.44 30.00
C ILE A 191 -12.14 15.95 30.16
N GLY A 192 -11.00 16.43 29.65
CA GLY A 192 -10.61 17.82 29.78
C GLY A 192 -9.99 18.21 31.11
N THR A 193 -9.56 17.24 31.92
CA THR A 193 -8.94 17.55 33.20
C THR A 193 -7.46 17.17 33.25
N ASP A 194 -6.88 16.86 32.09
CA ASP A 194 -5.54 16.28 32.00
C ASP A 194 -5.50 15.02 32.86
N ALA A 195 -6.49 14.16 32.63
CA ALA A 195 -6.69 12.94 33.41
C ALA A 195 -5.60 11.91 33.17
N PHE A 196 -5.55 10.92 34.07
CA PHE A 196 -4.66 9.77 33.91
C PHE A 196 -4.87 9.09 32.56
N GLN A 197 -3.78 8.98 31.80
CA GLN A 197 -3.80 8.36 30.46
C GLN A 197 -4.84 8.96 29.54
N GLU A 198 -5.05 10.27 29.64
CA GLU A 198 -5.94 10.97 28.73
C GLU A 198 -5.14 11.67 27.63
N ALA A 199 -5.47 11.35 26.39
CA ALA A 199 -4.98 12.12 25.27
C ALA A 199 -6.17 12.71 24.54
N ASP A 200 -6.00 13.87 23.95
CA ASP A 200 -7.00 14.43 23.07
C ASP A 200 -6.90 13.78 21.68
N ILE A 201 -7.24 12.49 21.60
CA ILE A 201 -7.02 11.73 20.38
C ILE A 201 -7.92 12.21 19.24
N VAL A 202 -9.10 12.73 19.56
CA VAL A 202 -9.98 13.28 18.53
C VAL A 202 -9.34 14.52 17.90
N GLY A 203 -8.74 15.37 18.73
CA GLY A 203 -8.03 16.53 18.23
C GLY A 203 -6.78 16.14 17.45
N ILE A 204 -6.00 15.24 18.02
CA ILE A 204 -4.74 14.82 17.41
C ILE A 204 -4.96 14.11 16.07
N SER A 205 -5.96 13.23 16.03
CA SER A 205 -6.17 12.38 14.86
C SER A 205 -7.03 13.01 13.77
N ARG A 206 -7.51 14.22 14.01
CA ARG A 206 -8.38 14.90 13.03
C ARG A 206 -7.73 15.04 11.65
N SER A 207 -6.44 15.37 11.60
CA SER A 207 -5.77 15.57 10.32
C SER A 207 -5.31 14.27 9.67
N CYS A 208 -5.42 13.16 10.42
N CYS A 208 -5.37 13.16 10.40
CA CYS A 208 -5.00 11.84 9.93
CA CYS A 208 -5.01 11.88 9.80
C CYS A 208 -6.16 10.92 9.57
C CYS A 208 -6.16 10.87 9.84
N THR A 209 -7.38 11.38 9.76
CA THR A 209 -8.56 10.52 9.57
C THR A 209 -9.52 11.15 8.57
N LYS A 210 -10.29 10.34 7.87
CA LYS A 210 -11.39 10.86 7.06
C LYS A 210 -12.39 11.52 7.98
N TRP A 211 -12.49 10.99 9.19
CA TRP A 211 -13.56 11.34 10.12
C TRP A 211 -13.27 10.72 11.49
N ASN A 212 -13.62 11.42 12.55
CA ASN A 212 -13.58 10.80 13.87
C ASN A 212 -14.71 11.33 14.72
N VAL A 213 -14.93 10.69 15.86
CA VAL A 213 -16.06 11.02 16.69
C VAL A 213 -15.80 10.48 18.09
N MET A 214 -16.34 11.16 19.09
CA MET A 214 -16.36 10.60 20.42
C MET A 214 -17.78 10.25 20.81
N VAL A 215 -18.01 8.98 21.08
CA VAL A 215 -19.33 8.50 21.49
C VAL A 215 -19.62 9.04 22.89
N LYS A 216 -20.78 9.66 23.07
CA LYS A 216 -21.06 10.36 24.31
C LYS A 216 -22.11 9.66 25.17
N ASN A 217 -22.87 8.76 24.58
CA ASN A 217 -23.76 7.90 25.36
C ASN A 217 -23.97 6.57 24.64
N VAL A 218 -24.45 5.57 25.37
CA VAL A 218 -24.45 4.22 24.82
C VAL A 218 -25.53 4.08 23.74
N ALA A 219 -26.58 4.90 23.83
CA ALA A 219 -27.68 4.83 22.88
C ALA A 219 -27.25 5.19 21.47
N GLU A 220 -26.18 5.99 21.34
CA GLU A 220 -25.75 6.40 20.01
C GLU A 220 -24.56 5.58 19.53
N LEU A 221 -24.18 4.56 20.30
CA LEU A 221 -23.03 3.73 19.95
C LEU A 221 -23.25 2.90 18.67
N PRO A 222 -24.42 2.25 18.51
CA PRO A 222 -24.61 1.55 17.23
C PRO A 222 -24.55 2.48 16.01
N ARG A 223 -25.14 3.67 16.13
CA ARG A 223 -25.12 4.64 15.03
C ARG A 223 -23.70 5.04 14.64
N ARG A 224 -22.87 5.34 15.64
CA ARG A 224 -21.50 5.78 15.39
C ARG A 224 -20.65 4.68 14.74
N ILE A 225 -20.87 3.44 15.18
CA ILE A 225 -20.19 2.30 14.57
C ILE A 225 -20.59 2.15 13.10
N ASN A 226 -21.89 2.26 12.81
CA ASN A 226 -22.35 2.23 11.42
C ASN A 226 -21.71 3.33 10.58
N GLU A 227 -21.73 4.55 11.09
CA GLU A 227 -21.15 5.69 10.37
C GLU A 227 -19.67 5.47 10.09
N ALA A 228 -18.95 4.96 11.08
CA ALA A 228 -17.51 4.72 10.96
C ALA A 228 -17.21 3.76 9.82
N PHE A 229 -17.90 2.62 9.80
CA PHE A 229 -17.66 1.62 8.77
C PHE A 229 -18.06 2.14 7.40
N GLU A 230 -19.14 2.90 7.34
CA GLU A 230 -19.61 3.45 6.08
C GLU A 230 -18.61 4.45 5.51
N ILE A 231 -18.18 5.40 6.32
CA ILE A 231 -17.25 6.41 5.87
C ILE A 231 -15.89 5.81 5.48
N ALA A 232 -15.44 4.83 6.27
CA ALA A 232 -14.15 4.19 6.01
C ALA A 232 -14.11 3.47 4.65
N THR A 233 -15.25 2.95 4.20
CA THR A 233 -15.26 2.05 3.05
C THR A 233 -15.83 2.65 1.77
N THR A 234 -16.41 3.85 1.86
CA THR A 234 -16.98 4.51 0.70
C THR A 234 -16.10 5.68 0.27
N GLY A 235 -16.40 6.24 -0.91
CA GLY A 235 -15.56 7.25 -1.51
C GLY A 235 -14.16 6.67 -1.69
N ARG A 236 -13.14 7.48 -1.49
CA ARG A 236 -11.80 6.92 -1.33
C ARG A 236 -11.70 6.35 0.08
N PRO A 237 -11.45 5.04 0.20
CA PRO A 237 -11.37 4.42 1.53
C PRO A 237 -10.31 5.08 2.40
N GLY A 238 -10.49 5.04 3.71
CA GLY A 238 -9.56 5.70 4.61
C GLY A 238 -9.82 5.36 6.05
N PRO A 239 -8.94 5.84 6.94
CA PRO A 239 -9.06 5.56 8.38
C PRO A 239 -10.11 6.44 9.05
N VAL A 240 -10.85 5.86 9.99
CA VAL A 240 -11.70 6.62 10.90
C VAL A 240 -11.38 6.21 12.33
N LEU A 241 -11.63 7.11 13.27
CA LEU A 241 -11.41 6.79 14.68
C LEU A 241 -12.67 7.04 15.48
N VAL A 242 -13.02 6.10 16.35
CA VAL A 242 -14.16 6.24 17.25
C VAL A 242 -13.68 6.14 18.69
N ASP A 243 -13.86 7.24 19.43
CA ASP A 243 -13.41 7.34 20.81
C ASP A 243 -14.49 6.84 21.77
N LEU A 244 -14.13 5.90 22.65
CA LEU A 244 -15.09 5.21 23.51
C LEU A 244 -14.82 5.44 25.00
N PRO A 245 -15.46 6.44 25.59
CA PRO A 245 -15.29 6.68 27.03
C PRO A 245 -15.67 5.46 27.86
N LYS A 246 -14.90 5.20 28.90
CA LYS A 246 -15.04 3.99 29.69
C LYS A 246 -16.42 3.88 30.34
N ASP A 247 -16.99 5.02 30.75
CA ASP A 247 -18.29 4.98 31.40
C ASP A 247 -19.40 4.72 30.39
N VAL A 248 -19.17 5.10 29.13
CA VAL A 248 -20.14 4.80 28.09
C VAL A 248 -20.16 3.30 27.79
N THR A 249 -18.98 2.70 27.66
CA THR A 249 -18.91 1.29 27.29
C THR A 249 -19.28 0.38 28.46
N ALA A 250 -19.17 0.89 29.68
CA ALA A 250 -19.60 0.16 30.87
C ALA A 250 -21.09 0.35 31.15
N SER A 251 -21.64 1.49 30.71
CA SER A 251 -23.06 1.75 30.95
C SER A 251 -23.96 0.76 30.19
N ILE A 252 -25.17 0.60 30.70
CA ILE A 252 -26.13 -0.34 30.13
C ILE A 252 -27.22 0.44 29.40
N LEU A 253 -27.60 -0.02 28.21
CA LEU A 253 -28.64 0.63 27.42
C LEU A 253 -30.01 0.42 28.07
N ARG A 254 -30.70 1.52 28.36
CA ARG A 254 -31.99 1.45 29.05
C ARG A 254 -33.16 1.85 28.16
N GLU A 255 -32.88 2.37 26.97
CA GLU A 255 -33.94 2.87 26.11
C GLU A 255 -33.88 2.25 24.72
N SER A 256 -35.01 2.28 24.02
CA SER A 256 -35.09 1.80 22.66
CA SER A 256 -35.06 1.78 22.65
C SER A 256 -34.36 2.75 21.71
N ILE A 257 -33.82 2.20 20.62
CA ILE A 257 -33.09 3.00 19.63
C ILE A 257 -33.62 2.71 18.23
N PRO A 258 -33.53 3.69 17.32
CA PRO A 258 -34.03 3.50 15.95
C PRO A 258 -33.47 2.25 15.31
N ILE A 259 -34.34 1.40 14.76
CA ILE A 259 -33.92 0.10 14.29
C ILE A 259 -32.96 0.20 13.10
N ASN A 260 -32.94 1.35 12.44
N ASN A 260 -32.93 1.36 12.45
CA ASN A 260 -32.01 1.56 11.33
CA ASN A 260 -32.03 1.57 11.32
C ASN A 260 -30.57 1.60 11.82
C ASN A 260 -30.57 1.72 11.78
N THR A 261 -30.38 2.08 13.04
CA THR A 261 -29.04 2.24 13.59
C THR A 261 -28.47 0.91 14.10
N THR A 262 -29.31 -0.10 14.24
CA THR A 262 -28.85 -1.41 14.68
C THR A 262 -28.46 -2.29 13.48
N LEU A 263 -28.65 -1.77 12.29
CA LEU A 263 -28.34 -2.50 11.06
C LEU A 263 -27.43 -1.69 10.15
N PRO A 264 -26.32 -2.30 9.71
CA PRO A 264 -25.44 -1.71 8.69
C PRO A 264 -26.16 -1.57 7.35
N SER A 265 -25.63 -0.75 6.45
CA SER A 265 -26.24 -0.54 5.13
C SER A 265 -26.34 -1.82 4.32
N ALA A 275 -27.75 5.16 -9.35
CA ALA A 275 -27.86 5.57 -10.74
C ALA A 275 -26.74 6.55 -11.12
N VAL A 276 -26.37 6.56 -12.40
CA VAL A 276 -25.33 7.46 -12.90
C VAL A 276 -25.93 8.80 -13.30
N SER A 277 -25.31 9.89 -12.86
CA SER A 277 -25.84 11.22 -13.16
C SER A 277 -25.75 11.53 -14.65
N GLU A 278 -26.64 12.40 -15.11
CA GLU A 278 -26.65 12.87 -16.49
C GLU A 278 -25.30 13.47 -16.85
N PHE A 279 -24.73 14.21 -15.91
CA PHE A 279 -23.47 14.90 -16.10
C PHE A 279 -22.32 13.92 -16.38
N THR A 280 -22.22 12.89 -15.54
CA THR A 280 -21.18 11.89 -15.68
C THR A 280 -21.37 11.06 -16.97
N SER A 281 -22.61 10.72 -17.27
CA SER A 281 -22.94 9.97 -18.47
C SER A 281 -22.52 10.71 -19.74
N GLU A 282 -22.66 12.03 -19.74
CA GLU A 282 -22.23 12.84 -20.88
C GLU A 282 -20.71 12.93 -20.96
N ALA A 283 -20.06 13.03 -19.81
CA ALA A 283 -18.61 13.09 -19.76
C ALA A 283 -18.00 11.79 -20.29
N ILE A 284 -18.63 10.67 -19.94
CA ILE A 284 -18.20 9.36 -20.43
C ILE A 284 -18.26 9.27 -21.95
N LYS A 285 -19.37 9.74 -22.52
CA LYS A 285 -19.54 9.74 -23.97
C LYS A 285 -18.51 10.63 -24.65
N ARG A 286 -18.22 11.77 -24.04
CA ARG A 286 -17.24 12.69 -24.58
C ARG A 286 -15.83 12.08 -24.52
N ALA A 287 -15.55 11.42 -23.39
CA ALA A 287 -14.25 10.77 -23.19
C ALA A 287 -14.06 9.63 -24.19
N ALA A 288 -15.12 8.91 -24.50
CA ALA A 288 -15.06 7.83 -25.46
C ALA A 288 -14.76 8.37 -26.85
N ASN A 289 -15.36 9.50 -27.18
CA ASN A 289 -15.12 10.15 -28.46
C ASN A 289 -13.66 10.58 -28.57
N ILE A 290 -13.12 11.06 -27.45
CA ILE A 290 -11.74 11.51 -27.42
C ILE A 290 -10.79 10.33 -27.63
N LEU A 291 -11.04 9.22 -26.94
CA LEU A 291 -10.20 8.04 -27.09
C LEU A 291 -10.27 7.46 -28.50
N ASN A 292 -11.46 7.51 -29.12
CA ASN A 292 -11.62 6.98 -30.48
C ASN A 292 -10.83 7.76 -31.52
N LYS A 293 -10.34 8.95 -31.16
CA LYS A 293 -9.48 9.74 -32.05
C LYS A 293 -7.99 9.45 -31.81
N ALA A 294 -7.67 8.91 -30.64
CA ALA A 294 -6.28 8.76 -30.21
C ALA A 294 -5.45 7.83 -31.10
N LYS A 295 -4.21 8.23 -31.33
CA LYS A 295 -3.29 7.41 -32.13
C LYS A 295 -2.18 6.85 -31.25
N LYS A 296 -2.01 7.43 -30.07
CA LYS A 296 -1.01 6.98 -29.11
C LYS A 296 -1.57 6.92 -27.69
N PRO A 297 -2.56 6.05 -27.45
CA PRO A 297 -3.17 6.03 -26.12
C PRO A 297 -2.33 5.26 -25.11
N ILE A 298 -2.50 5.58 -23.83
CA ILE A 298 -1.87 4.81 -22.76
C ILE A 298 -2.78 4.80 -21.55
N ILE A 299 -2.88 3.64 -20.90
CA ILE A 299 -3.61 3.53 -19.65
C ILE A 299 -2.66 3.69 -18.48
N TYR A 300 -3.02 4.59 -17.59
CA TYR A 300 -2.27 4.85 -16.37
C TYR A 300 -3.15 4.42 -15.20
N ALA A 301 -2.88 3.23 -14.67
CA ALA A 301 -3.79 2.60 -13.71
C ALA A 301 -3.20 2.56 -12.30
N GLY A 302 -4.07 2.72 -11.31
CA GLY A 302 -3.62 2.77 -9.92
C GLY A 302 -4.48 1.98 -8.96
N ALA A 303 -4.32 2.28 -7.67
CA ALA A 303 -4.96 1.51 -6.60
C ALA A 303 -6.49 1.47 -6.71
N GLY A 304 -7.09 2.47 -7.33
CA GLY A 304 -8.53 2.54 -7.43
C GLY A 304 -9.15 1.37 -8.17
N ILE A 305 -8.43 0.86 -9.16
CA ILE A 305 -8.94 -0.23 -9.98
C ILE A 305 -9.03 -1.52 -9.13
N LEU A 306 -8.27 -1.57 -8.04
CA LEU A 306 -8.25 -2.72 -7.13
C LEU A 306 -9.40 -2.70 -6.13
N ASN A 307 -10.14 -1.59 -6.06
CA ASN A 307 -11.19 -1.47 -5.05
C ASN A 307 -12.52 -2.04 -5.54
N ASN A 308 -12.46 -2.81 -6.61
CA ASN A 308 -13.60 -3.56 -7.10
C ASN A 308 -13.07 -4.87 -7.69
N GLU A 309 -13.76 -5.97 -7.45
CA GLU A 309 -13.29 -7.28 -7.91
C GLU A 309 -13.26 -7.39 -9.43
N GLN A 310 -14.15 -6.67 -10.11
CA GLN A 310 -14.20 -6.69 -11.57
C GLN A 310 -13.23 -5.69 -12.19
N GLY A 311 -12.59 -4.89 -11.34
CA GLY A 311 -11.67 -3.86 -11.79
C GLY A 311 -10.63 -4.33 -12.79
N PRO A 312 -9.75 -5.25 -12.38
CA PRO A 312 -8.71 -5.74 -13.29
C PRO A 312 -9.29 -6.37 -14.57
N LYS A 313 -10.44 -7.02 -14.44
CA LYS A 313 -11.09 -7.62 -15.60
C LYS A 313 -11.47 -6.56 -16.64
N LEU A 314 -12.06 -5.47 -16.17
CA LEU A 314 -12.51 -4.40 -17.07
C LEU A 314 -11.33 -3.61 -17.64
N LEU A 315 -10.30 -3.42 -16.82
CA LEU A 315 -9.07 -2.80 -17.29
C LEU A 315 -8.51 -3.58 -18.49
N LYS A 316 -8.46 -4.90 -18.36
CA LYS A 316 -7.97 -5.77 -19.43
C LYS A 316 -8.87 -5.71 -20.65
N GLU A 317 -10.19 -5.68 -20.41
CA GLU A 317 -11.15 -5.63 -21.49
C GLU A 317 -10.97 -4.34 -22.31
N LEU A 318 -10.75 -3.23 -21.63
CA LEU A 318 -10.53 -1.96 -22.29
C LEU A 318 -9.25 -1.98 -23.10
N ALA A 319 -8.16 -2.42 -22.48
CA ALA A 319 -6.86 -2.47 -23.14
C ALA A 319 -6.85 -3.38 -24.35
N ASP A 320 -7.56 -4.51 -24.24
CA ASP A 320 -7.64 -5.46 -25.35
C ASP A 320 -8.48 -4.88 -26.48
N LYS A 321 -9.62 -4.28 -26.14
CA LYS A 321 -10.53 -3.81 -27.17
C LYS A 321 -9.92 -2.67 -28.00
N ALA A 322 -9.34 -1.70 -27.32
CA ALA A 322 -8.82 -0.51 -28.01
C ALA A 322 -7.32 -0.59 -28.28
N ASN A 323 -6.72 -1.72 -27.90
CA ASN A 323 -5.31 -1.98 -28.16
C ASN A 323 -4.42 -0.91 -27.53
N ILE A 324 -4.41 -0.88 -26.20
CA ILE A 324 -3.75 0.18 -25.43
C ILE A 324 -2.71 -0.38 -24.46
N PRO A 325 -1.48 0.15 -24.50
CA PRO A 325 -0.47 -0.24 -23.52
C PRO A 325 -0.85 0.25 -22.11
N VAL A 326 -0.50 -0.54 -21.10
CA VAL A 326 -0.88 -0.28 -19.71
C VAL A 326 0.32 -0.12 -18.79
N THR A 327 0.39 1.01 -18.09
CA THR A 327 1.38 1.18 -17.04
C THR A 327 0.64 1.38 -15.69
N THR A 328 1.29 1.00 -14.59
CA THR A 328 0.68 1.16 -13.27
C THR A 328 1.59 1.91 -12.31
N THR A 329 0.98 2.49 -11.29
CA THR A 329 1.70 3.00 -10.13
C THR A 329 2.25 1.85 -9.29
N LEU A 330 3.09 2.19 -8.31
CA LEU A 330 3.51 1.24 -7.29
C LEU A 330 2.30 0.59 -6.62
N GLN A 331 1.27 1.38 -6.31
CA GLN A 331 0.09 0.85 -5.63
C GLN A 331 -0.86 0.12 -6.58
N GLY A 332 -0.62 0.23 -7.88
CA GLY A 332 -1.46 -0.44 -8.86
C GLY A 332 -0.89 -1.78 -9.33
N LEU A 333 0.30 -2.12 -8.85
CA LEU A 333 0.99 -3.35 -9.26
C LEU A 333 0.10 -4.56 -8.99
N GLY A 334 -0.08 -5.39 -10.01
CA GLY A 334 -0.94 -6.55 -9.91
C GLY A 334 -2.29 -6.34 -10.58
N ALA A 335 -2.64 -5.08 -10.85
CA ALA A 335 -3.88 -4.76 -11.54
C ALA A 335 -3.86 -5.25 -12.99
N PHE A 336 -2.66 -5.30 -13.56
CA PHE A 336 -2.51 -5.74 -14.95
C PHE A 336 -1.42 -6.82 -15.01
N ASP A 337 -1.68 -7.88 -15.76
CA ASP A 337 -0.72 -8.98 -15.89
C ASP A 337 0.54 -8.50 -16.61
N GLN A 338 1.64 -8.40 -15.87
CA GLN A 338 2.87 -7.86 -16.44
C GLN A 338 3.51 -8.75 -17.52
N ARG A 339 3.01 -9.98 -17.66
CA ARG A 339 3.49 -10.88 -18.71
C ARG A 339 2.86 -10.55 -20.07
N ASP A 340 1.78 -9.77 -20.04
CA ASP A 340 1.11 -9.31 -21.24
C ASP A 340 2.02 -8.37 -22.02
N PRO A 341 2.10 -8.55 -23.34
CA PRO A 341 2.90 -7.69 -24.23
C PRO A 341 2.54 -6.20 -24.08
N LYS A 342 1.29 -5.91 -23.75
CA LYS A 342 0.83 -4.54 -23.58
C LYS A 342 1.36 -3.87 -22.30
N SER A 343 1.95 -4.66 -21.40
CA SER A 343 2.42 -4.13 -20.14
C SER A 343 3.68 -3.26 -20.27
N LEU A 344 3.58 -2.04 -19.77
CA LEU A 344 4.70 -1.11 -19.75
C LEU A 344 5.41 -1.07 -18.38
N ASP A 345 4.94 -1.91 -17.46
CA ASP A 345 5.50 -2.01 -16.11
C ASP A 345 5.19 -0.73 -15.31
N MET A 346 5.94 -0.48 -14.25
CA MET A 346 5.67 0.66 -13.37
C MET A 346 6.25 1.97 -13.93
N LEU A 347 5.53 3.08 -13.76
CA LEU A 347 6.05 4.38 -14.15
C LEU A 347 6.52 5.16 -12.92
N GLY A 348 7.24 6.26 -13.15
CA GLY A 348 7.62 7.15 -12.06
C GLY A 348 9.10 7.31 -11.81
N MET A 349 9.41 7.87 -10.64
CA MET A 349 10.78 8.19 -10.25
CA MET A 349 10.78 8.20 -10.25
C MET A 349 11.74 7.01 -10.39
N HIS A 350 11.26 5.82 -10.07
CA HIS A 350 12.09 4.63 -10.18
C HIS A 350 11.42 3.57 -11.04
N GLY A 351 10.50 4.00 -11.89
CA GLY A 351 9.80 3.09 -12.78
C GLY A 351 10.56 2.91 -14.08
N SER A 352 10.00 2.10 -14.97
CA SER A 352 10.62 1.83 -16.26
C SER A 352 10.76 3.09 -17.10
N ALA A 353 11.97 3.32 -17.64
CA ALA A 353 12.17 4.41 -18.59
C ALA A 353 11.31 4.23 -19.85
N ALA A 354 10.86 3.01 -20.11
CA ALA A 354 9.97 2.79 -21.26
C ALA A 354 8.59 3.35 -20.95
N ALA A 355 8.12 3.07 -19.73
CA ALA A 355 6.84 3.57 -19.27
C ALA A 355 6.84 5.10 -19.21
N ASN A 356 7.88 5.65 -18.58
CA ASN A 356 8.04 7.10 -18.50
C ASN A 356 8.11 7.77 -19.88
N THR A 357 8.82 7.14 -20.81
CA THR A 357 8.90 7.65 -22.17
C THR A 357 7.53 7.63 -22.86
N ALA A 358 6.82 6.52 -22.71
CA ALA A 358 5.52 6.37 -23.36
C ALA A 358 4.49 7.39 -22.86
N ILE A 359 4.47 7.65 -21.55
CA ILE A 359 3.47 8.58 -21.04
CA ILE A 359 3.55 8.62 -20.94
C ILE A 359 3.81 10.02 -21.47
N GLN A 360 5.09 10.33 -21.64
CA GLN A 360 5.50 11.64 -22.10
C GLN A 360 5.21 11.85 -23.59
N ASN A 361 4.94 10.75 -24.30
CA ASN A 361 4.70 10.84 -25.73
C ASN A 361 3.27 10.47 -26.14
N ALA A 362 2.45 10.04 -25.20
CA ALA A 362 1.08 9.65 -25.47
C ALA A 362 0.19 10.85 -25.81
N ASP A 363 -0.77 10.68 -26.70
CA ASP A 363 -1.69 11.78 -26.98
C ASP A 363 -2.97 11.65 -26.16
N CYS A 364 -3.16 10.48 -25.56
CA CYS A 364 -4.33 10.26 -24.73
C CYS A 364 -3.97 9.43 -23.51
N ILE A 365 -4.18 10.01 -22.34
CA ILE A 365 -3.88 9.32 -21.09
C ILE A 365 -5.18 8.98 -20.34
N ILE A 366 -5.40 7.70 -20.14
CA ILE A 366 -6.57 7.20 -19.44
C ILE A 366 -6.18 6.86 -18.01
N ALA A 367 -6.46 7.76 -17.08
CA ALA A 367 -6.09 7.58 -15.67
C ALA A 367 -7.19 6.85 -14.92
N LEU A 368 -6.89 5.62 -14.51
CA LEU A 368 -7.87 4.78 -13.82
C LEU A 368 -7.49 4.57 -12.34
N GLY A 369 -8.16 5.28 -11.45
CA GLY A 369 -7.94 5.13 -10.02
C GLY A 369 -6.51 5.43 -9.61
N ALA A 370 -6.00 6.57 -10.06
CA ALA A 370 -4.64 7.01 -9.74
C ALA A 370 -4.65 8.51 -9.52
N ARG A 371 -3.80 9.01 -8.63
CA ARG A 371 -3.96 10.40 -8.21
C ARG A 371 -2.83 11.34 -8.63
N PHE A 372 -2.00 10.93 -9.59
CA PHE A 372 -0.93 11.78 -10.10
C PHE A 372 -0.01 12.26 -8.97
N ASP A 373 0.38 11.34 -8.12
CA ASP A 373 1.31 11.62 -7.02
CA ASP A 373 1.28 11.69 -7.02
C ASP A 373 2.64 12.18 -7.55
N ASP A 374 3.36 12.93 -6.72
CA ASP A 374 4.58 13.56 -7.20
C ASP A 374 5.74 12.58 -7.43
N ARG A 375 5.61 11.32 -6.98
CA ARG A 375 6.59 10.29 -7.33
C ARG A 375 6.39 9.81 -8.77
N VAL A 376 5.23 10.12 -9.34
CA VAL A 376 4.83 9.57 -10.63
C VAL A 376 4.95 10.58 -11.78
N THR A 377 4.60 11.84 -11.51
CA THR A 377 4.51 12.83 -12.58
C THR A 377 5.84 13.42 -13.03
N GLY A 378 6.87 13.29 -12.20
CA GLY A 378 8.09 14.04 -12.43
C GLY A 378 7.79 15.54 -12.30
N ASN A 379 8.61 16.37 -12.93
CA ASN A 379 8.33 17.81 -12.96
C ASN A 379 6.95 18.06 -13.57
N ILE A 380 6.04 18.59 -12.76
CA ILE A 380 4.64 18.71 -13.13
C ILE A 380 4.41 19.55 -14.38
N SER A 381 5.09 20.68 -14.47
CA SER A 381 4.93 21.57 -15.61
C SER A 381 5.44 20.95 -16.91
N LYS A 382 6.26 19.90 -16.81
CA LYS A 382 6.83 19.23 -17.99
C LYS A 382 6.20 17.87 -18.24
N PHE A 383 5.19 17.53 -17.44
CA PHE A 383 4.52 16.24 -17.52
C PHE A 383 3.53 16.16 -18.69
N ALA A 384 3.51 15.01 -19.36
CA ALA A 384 2.55 14.70 -20.43
C ALA A 384 2.40 15.78 -21.51
N PRO A 385 3.52 16.21 -22.14
CA PRO A 385 3.46 17.29 -23.14
C PRO A 385 2.54 16.96 -24.31
N GLU A 386 2.61 15.72 -24.78
CA GLU A 386 1.88 15.30 -25.97
C GLU A 386 0.38 15.21 -25.73
N ALA A 387 0.01 14.88 -24.49
CA ALA A 387 -1.39 14.82 -24.11
C ALA A 387 -1.98 16.23 -23.98
N LYS A 388 -1.20 17.15 -23.43
CA LYS A 388 -1.63 18.54 -23.34
CA LYS A 388 -1.63 18.54 -23.34
C LYS A 388 -1.82 19.16 -24.71
N LEU A 389 -0.89 18.90 -25.63
CA LEU A 389 -0.97 19.43 -26.98
C LEU A 389 -2.21 18.88 -27.67
N ALA A 390 -2.45 17.58 -27.49
CA ALA A 390 -3.59 16.92 -28.11
C ALA A 390 -4.93 17.50 -27.63
N ALA A 391 -5.03 17.75 -26.32
CA ALA A 391 -6.22 18.37 -25.74
C ALA A 391 -6.47 19.74 -26.36
N SER A 392 -5.42 20.56 -26.45
CA SER A 392 -5.54 21.89 -27.06
C SER A 392 -5.98 21.80 -28.51
N GLU A 393 -5.62 20.70 -29.17
CA GLU A 393 -5.95 20.53 -30.58
C GLU A 393 -7.23 19.72 -30.78
N GLY A 394 -7.87 19.35 -29.69
CA GLY A 394 -9.12 18.61 -29.73
C GLY A 394 -9.01 17.21 -30.29
N ARG A 395 -7.88 16.54 -30.03
CA ARG A 395 -7.67 15.19 -30.55
C ARG A 395 -7.08 14.27 -29.49
N GLY A 396 -7.19 14.65 -28.23
CA GLY A 396 -6.66 13.83 -27.15
C GLY A 396 -6.81 14.44 -25.76
N GLY A 397 -5.88 14.13 -24.88
CA GLY A 397 -5.87 14.73 -23.55
C GLY A 397 -5.86 13.71 -22.44
N ILE A 398 -6.30 14.14 -21.25
CA ILE A 398 -6.30 13.29 -20.08
C ILE A 398 -7.72 12.96 -19.63
N LEU A 399 -8.00 11.66 -19.53
CA LEU A 399 -9.31 11.19 -19.13
C LEU A 399 -9.19 10.58 -17.74
N HIS A 400 -9.76 11.26 -16.75
CA HIS A 400 -9.50 10.91 -15.37
C HIS A 400 -10.74 10.28 -14.70
N PHE A 401 -10.64 8.98 -14.41
CA PHE A 401 -11.69 8.24 -13.73
C PHE A 401 -11.37 8.23 -12.23
N GLU A 402 -12.06 9.07 -11.46
CA GLU A 402 -11.68 9.32 -10.07
C GLU A 402 -12.92 9.39 -9.17
N ILE A 403 -12.85 8.74 -8.01
CA ILE A 403 -14.02 8.66 -7.15
C ILE A 403 -14.11 9.86 -6.19
N SER A 404 -12.97 10.47 -5.89
CA SER A 404 -12.90 11.57 -4.94
C SER A 404 -12.68 12.92 -5.64
N PRO A 405 -13.69 13.80 -5.57
CA PRO A 405 -13.63 15.12 -6.22
C PRO A 405 -12.41 15.95 -5.82
N LYS A 406 -11.96 15.80 -4.58
CA LYS A 406 -10.74 16.47 -4.11
C LYS A 406 -9.53 16.15 -5.01
N ASN A 407 -9.49 14.96 -5.57
CA ASN A 407 -8.34 14.55 -6.37
C ASN A 407 -8.52 14.76 -7.86
N ILE A 408 -9.66 15.32 -8.26
CA ILE A 408 -9.88 15.70 -9.64
C ILE A 408 -9.39 17.12 -9.87
N ASN A 409 -8.51 17.29 -10.87
CA ASN A 409 -7.92 18.60 -11.18
C ASN A 409 -7.13 19.17 -10.01
N LYS A 410 -6.56 18.30 -9.18
CA LYS A 410 -5.74 18.73 -8.07
C LYS A 410 -4.30 19.00 -8.53
N VAL A 411 -3.81 18.16 -9.43
CA VAL A 411 -2.42 18.23 -9.87
C VAL A 411 -2.31 18.60 -11.35
N VAL A 412 -3.10 17.92 -12.16
CA VAL A 412 -3.16 18.21 -13.60
C VAL A 412 -4.60 18.39 -14.04
N GLU A 413 -4.82 19.27 -15.01
CA GLU A 413 -6.15 19.47 -15.55
C GLU A 413 -6.59 18.25 -16.34
N ALA A 414 -7.74 17.69 -15.97
CA ALA A 414 -8.35 16.60 -16.72
C ALA A 414 -9.10 17.16 -17.92
N THR A 415 -8.90 16.55 -19.10
CA THR A 415 -9.66 16.94 -20.27
C THR A 415 -11.12 16.53 -20.07
N GLU A 416 -11.31 15.31 -19.58
CA GLU A 416 -12.62 14.89 -19.12
C GLU A 416 -12.49 14.22 -17.76
N ALA A 417 -13.32 14.65 -16.81
CA ALA A 417 -13.33 14.06 -15.48
C ALA A 417 -14.53 13.14 -15.34
N ILE A 418 -14.29 11.88 -15.05
CA ILE A 418 -15.37 10.93 -14.85
CA ILE A 418 -15.34 10.91 -14.85
C ILE A 418 -15.42 10.53 -13.37
N GLU A 419 -16.39 11.12 -12.68
CA GLU A 419 -16.49 10.95 -11.24
C GLU A 419 -17.22 9.67 -10.86
N GLY A 420 -16.77 9.03 -9.79
CA GLY A 420 -17.40 7.81 -9.31
C GLY A 420 -16.45 6.62 -9.31
N ASP A 421 -16.98 5.45 -9.00
CA ASP A 421 -16.18 4.22 -9.03
C ASP A 421 -15.71 3.92 -10.45
N VAL A 422 -14.40 3.77 -10.62
CA VAL A 422 -13.81 3.57 -11.94
C VAL A 422 -14.33 2.31 -12.62
N THR A 423 -14.48 1.24 -11.85
CA THR A 423 -14.96 -0.03 -12.40
C THR A 423 -16.37 0.11 -12.97
N ALA A 424 -17.26 0.68 -12.18
CA ALA A 424 -18.64 0.89 -12.61
C ALA A 424 -18.71 1.78 -13.86
N ASN A 425 -17.86 2.81 -13.90
CA ASN A 425 -17.86 3.72 -15.03
C ASN A 425 -17.24 3.10 -16.27
N LEU A 426 -16.30 2.18 -16.09
CA LEU A 426 -15.71 1.44 -17.20
C LEU A 426 -16.78 0.61 -17.91
N GLN A 427 -17.74 0.08 -17.15
CA GLN A 427 -18.83 -0.68 -17.76
C GLN A 427 -19.61 0.16 -18.75
N SER A 428 -19.75 1.45 -18.46
CA SER A 428 -20.47 2.36 -19.36
C SER A 428 -19.55 2.84 -20.48
N PHE A 429 -18.28 3.00 -20.15
CA PHE A 429 -17.28 3.56 -21.05
C PHE A 429 -16.95 2.64 -22.22
N ILE A 430 -16.60 1.39 -21.89
CA ILE A 430 -16.04 0.44 -22.85
C ILE A 430 -16.90 0.18 -24.09
N PRO A 431 -18.23 -0.01 -23.93
CA PRO A 431 -19.02 -0.21 -25.15
C PRO A 431 -19.09 0.99 -26.09
N LEU A 432 -18.71 2.17 -25.62
CA LEU A 432 -18.68 3.36 -26.47
C LEU A 432 -17.33 3.49 -27.17
N VAL A 433 -16.37 2.70 -26.73
CA VAL A 433 -15.02 2.73 -27.29
C VAL A 433 -14.92 1.84 -28.53
N ASP A 434 -14.37 2.37 -29.62
CA ASP A 434 -14.22 1.59 -30.85
C ASP A 434 -13.17 0.50 -30.70
N SER A 435 -13.48 -0.69 -31.20
CA SER A 435 -12.51 -1.77 -31.18
CA SER A 435 -12.52 -1.79 -31.20
C SER A 435 -11.40 -1.49 -32.18
N ILE A 436 -10.16 -1.78 -31.79
CA ILE A 436 -9.02 -1.52 -32.65
C ILE A 436 -8.11 -2.74 -32.69
N GLU A 437 -7.77 -3.16 -33.91
CA GLU A 437 -6.98 -4.37 -34.08
C GLU A 437 -5.49 -4.09 -34.04
N ASN A 438 -5.05 -3.02 -34.70
CA ASN A 438 -3.62 -2.71 -34.71
C ASN A 438 -3.26 -1.23 -34.61
N ARG A 439 -2.16 -0.98 -33.93
CA ARG A 439 -1.52 0.34 -33.89
C ARG A 439 -0.04 0.13 -34.17
N PRO A 440 0.30 -0.09 -35.45
CA PRO A 440 1.65 -0.52 -35.87
C PRO A 440 2.74 0.44 -35.42
N GLU A 441 2.57 1.74 -35.71
CA GLU A 441 3.60 2.71 -35.38
C GLU A 441 3.75 2.96 -33.88
N TRP A 442 2.65 3.09 -33.17
CA TRP A 442 2.69 3.30 -31.71
C TRP A 442 3.37 2.12 -31.03
N PHE A 443 2.92 0.91 -31.36
CA PHE A 443 3.46 -0.28 -30.69
C PHE A 443 4.86 -0.63 -31.17
N ASN A 444 5.25 -0.13 -32.34
CA ASN A 444 6.63 -0.24 -32.76
C ASN A 444 7.55 0.57 -31.85
N LYS A 445 7.13 1.81 -31.56
CA LYS A 445 7.84 2.66 -30.60
C LYS A 445 7.87 2.02 -29.22
N ILE A 446 6.72 1.55 -28.75
N ILE A 446 6.72 1.55 -28.76
CA ILE A 446 6.63 0.96 -27.42
CA ILE A 446 6.59 0.94 -27.44
C ILE A 446 7.56 -0.23 -27.27
C ILE A 446 7.56 -0.22 -27.28
N ASN A 447 7.55 -1.12 -28.26
CA ASN A 447 8.38 -2.32 -28.20
C ASN A 447 9.86 -1.98 -28.29
N GLU A 448 10.19 -0.91 -29.01
CA GLU A 448 11.57 -0.44 -29.08
C GLU A 448 12.00 0.14 -27.73
N TRP A 449 11.13 0.92 -27.10
CA TRP A 449 11.45 1.51 -25.80
C TRP A 449 11.63 0.41 -24.75
N LYS A 450 10.79 -0.62 -24.81
CA LYS A 450 10.90 -1.72 -23.85
C LYS A 450 12.23 -2.44 -24.03
N LYS A 451 12.65 -2.64 -25.28
CA LYS A 451 13.90 -3.35 -25.55
C LYS A 451 15.10 -2.55 -25.05
N LYS A 452 15.08 -1.23 -25.26
CA LYS A 452 16.23 -0.43 -24.86
C LYS A 452 16.23 -0.02 -23.39
N TYR A 453 15.11 -0.20 -22.69
CA TYR A 453 15.04 0.23 -21.29
C TYR A 453 14.69 -0.88 -20.30
N PRO A 454 15.48 -1.97 -20.28
CA PRO A 454 15.23 -2.95 -19.21
C PRO A 454 15.75 -2.44 -17.87
N TYR A 455 15.37 -3.13 -16.80
CA TYR A 455 15.88 -2.83 -15.48
C TYR A 455 17.31 -3.38 -15.31
N SER A 456 18.26 -2.77 -16.00
CA SER A 456 19.64 -3.25 -15.99
CA SER A 456 19.64 -3.23 -16.00
C SER A 456 20.37 -2.85 -14.72
N TYR A 457 21.37 -3.64 -14.35
CA TYR A 457 22.17 -3.37 -13.16
C TYR A 457 23.49 -4.13 -13.27
N GLN A 458 24.44 -3.79 -12.41
CA GLN A 458 25.73 -4.49 -12.40
C GLN A 458 25.57 -5.89 -11.81
N LEU A 459 25.84 -6.90 -12.64
CA LEU A 459 25.78 -8.28 -12.18
C LEU A 459 26.89 -8.62 -11.20
N GLU A 460 26.67 -9.68 -10.42
CA GLU A 460 27.71 -10.29 -9.60
C GLU A 460 28.99 -10.51 -10.40
N THR A 461 30.12 -10.43 -9.72
CA THR A 461 31.40 -10.80 -10.30
C THR A 461 31.97 -11.87 -9.39
N PRO A 462 32.98 -12.62 -9.85
CA PRO A 462 33.50 -13.69 -8.97
C PRO A 462 33.92 -13.16 -7.60
N GLY A 463 33.38 -13.78 -6.55
CA GLY A 463 33.75 -13.40 -5.19
C GLY A 463 32.95 -12.25 -4.62
N SER A 464 32.23 -11.53 -5.48
CA SER A 464 31.44 -10.39 -5.03
CA SER A 464 31.42 -10.40 -5.04
C SER A 464 30.28 -10.83 -4.13
N LEU A 465 29.70 -9.87 -3.43
CA LEU A 465 28.51 -10.13 -2.65
C LEU A 465 27.33 -10.28 -3.60
N ILE A 466 26.26 -10.89 -3.12
CA ILE A 466 25.01 -10.97 -3.87
C ILE A 466 24.47 -9.57 -4.16
N LYS A 467 24.02 -9.33 -5.38
CA LYS A 467 23.40 -8.05 -5.71
C LYS A 467 21.95 -8.11 -5.26
N PRO A 468 21.45 -7.01 -4.68
CA PRO A 468 20.08 -7.02 -4.17
C PRO A 468 19.05 -7.28 -5.28
N GLN A 469 19.35 -6.83 -6.51
CA GLN A 469 18.44 -7.05 -7.63
C GLN A 469 18.32 -8.54 -7.96
N THR A 470 19.46 -9.23 -7.90
CA THR A 470 19.50 -10.66 -8.22
C THR A 470 18.71 -11.47 -7.19
N LEU A 471 18.83 -11.07 -5.93
CA LEU A 471 18.08 -11.72 -4.86
C LEU A 471 16.58 -11.62 -5.10
N ILE A 472 16.10 -10.42 -5.43
CA ILE A 472 14.67 -10.24 -5.69
C ILE A 472 14.21 -11.14 -6.84
N LYS A 473 14.97 -11.19 -7.92
CA LYS A 473 14.63 -12.05 -9.05
C LYS A 473 14.55 -13.51 -8.62
N GLU A 474 15.54 -13.95 -7.84
CA GLU A 474 15.57 -15.32 -7.35
C GLU A 474 14.31 -15.65 -6.54
N ILE A 475 13.91 -14.73 -5.67
CA ILE A 475 12.73 -14.93 -4.85
C ILE A 475 11.47 -14.95 -5.73
N SER A 476 11.39 -14.00 -6.66
CA SER A 476 10.26 -13.95 -7.58
C SER A 476 10.10 -15.21 -8.43
N ASP A 477 11.21 -15.71 -8.99
CA ASP A 477 11.16 -16.90 -9.83
C ASP A 477 10.75 -18.14 -9.05
N GLN A 478 11.33 -18.32 -7.87
CA GLN A 478 11.03 -19.51 -7.08
C GLN A 478 9.63 -19.47 -6.48
N ALA A 479 9.17 -18.28 -6.11
CA ALA A 479 7.87 -18.18 -5.44
C ALA A 479 6.70 -18.64 -6.35
N GLN A 480 6.89 -18.53 -7.66
N GLN A 480 6.87 -18.52 -7.66
CA GLN A 480 5.82 -18.92 -8.59
CA GLN A 480 5.81 -18.92 -8.59
C GLN A 480 5.85 -20.39 -8.94
C GLN A 480 5.69 -20.42 -8.71
N THR A 481 6.73 -21.15 -8.28
CA THR A 481 6.75 -22.59 -8.44
C THR A 481 5.63 -23.24 -7.61
N TYR A 482 5.09 -22.51 -6.64
CA TYR A 482 4.11 -23.06 -5.70
C TYR A 482 2.69 -22.87 -6.19
N ASN A 483 1.81 -23.80 -5.85
CA ASN A 483 0.43 -23.69 -6.25
C ASN A 483 -0.37 -22.85 -5.27
N LYS A 484 0.19 -21.70 -4.87
CA LYS A 484 -0.42 -20.85 -3.87
C LYS A 484 -0.33 -19.40 -4.30
N GLU A 485 -1.26 -18.58 -3.83
CA GLU A 485 -1.18 -17.14 -4.02
C GLU A 485 0.04 -16.61 -3.31
N VAL A 486 0.67 -15.59 -3.88
CA VAL A 486 1.84 -14.97 -3.27
C VAL A 486 1.57 -13.51 -3.02
N ILE A 487 1.70 -13.10 -1.76
CA ILE A 487 1.48 -11.73 -1.37
C ILE A 487 2.79 -11.16 -0.86
N VAL A 488 3.12 -9.96 -1.33
CA VAL A 488 4.38 -9.33 -0.97
C VAL A 488 4.12 -8.04 -0.19
N THR A 489 4.76 -7.92 0.98
CA THR A 489 4.82 -6.66 1.70
C THR A 489 6.27 -6.20 1.70
N THR A 490 6.49 -4.92 1.96
CA THR A 490 7.85 -4.40 2.01
C THR A 490 8.01 -3.40 3.13
N GLY A 491 9.27 -3.08 3.44
CA GLY A 491 9.60 -1.89 4.20
C GLY A 491 9.71 -0.72 3.24
N VAL A 492 10.50 0.28 3.62
CA VAL A 492 10.64 1.46 2.78
C VAL A 492 12.11 1.71 2.51
N GLY A 493 12.45 1.87 1.22
CA GLY A 493 13.82 2.11 0.83
C GLY A 493 14.16 1.48 -0.51
N GLN A 494 15.45 1.22 -0.73
CA GLN A 494 15.88 0.64 -1.99
C GLN A 494 15.26 -0.74 -2.24
N HIS A 495 15.22 -1.58 -1.21
CA HIS A 495 14.68 -2.94 -1.31
C HIS A 495 13.23 -2.92 -1.81
N GLN A 496 12.48 -1.90 -1.38
CA GLN A 496 11.10 -1.70 -1.78
C GLN A 496 11.00 -1.44 -3.29
N MET A 497 11.87 -0.58 -3.79
CA MET A 497 11.90 -0.28 -5.22
C MET A 497 12.32 -1.47 -6.06
N TRP A 498 13.32 -2.19 -5.58
CA TRP A 498 13.81 -3.37 -6.30
C TRP A 498 12.76 -4.48 -6.30
N ALA A 499 11.98 -4.57 -5.24
CA ALA A 499 10.87 -5.50 -5.18
C ALA A 499 9.83 -5.12 -6.22
N ALA A 500 9.49 -3.83 -6.26
CA ALA A 500 8.56 -3.32 -7.24
C ALA A 500 9.04 -3.63 -8.67
N GLN A 501 10.31 -3.33 -8.95
CA GLN A 501 10.85 -3.51 -10.29
C GLN A 501 10.96 -4.97 -10.70
N HIS A 502 11.50 -5.82 -9.83
CA HIS A 502 11.98 -7.13 -10.28
C HIS A 502 11.06 -8.31 -9.99
N PHE A 503 10.01 -8.11 -9.20
CA PHE A 503 8.95 -9.12 -9.15
C PHE A 503 8.14 -9.00 -10.42
N THR A 504 7.53 -10.09 -10.84
CA THR A 504 6.59 -10.03 -11.94
C THR A 504 5.18 -10.06 -11.35
N TRP A 505 4.45 -8.97 -11.53
CA TRP A 505 3.15 -8.80 -10.89
C TRP A 505 2.02 -9.24 -11.81
N THR A 506 1.10 -10.04 -11.28
CA THR A 506 0.07 -10.66 -12.11
C THR A 506 -1.32 -10.70 -11.47
N GLN A 507 -1.40 -10.52 -10.15
CA GLN A 507 -2.68 -10.63 -9.44
C GLN A 507 -2.96 -9.43 -8.56
N PRO A 508 -4.23 -9.03 -8.46
CA PRO A 508 -4.62 -7.89 -7.63
C PRO A 508 -4.40 -8.13 -6.13
N ARG A 509 -4.04 -7.09 -5.40
CA ARG A 509 -3.83 -7.13 -3.95
C ARG A 509 -2.71 -8.10 -3.55
N THR A 510 -1.61 -8.06 -4.31
CA THR A 510 -0.44 -8.87 -3.97
C THR A 510 0.78 -8.01 -3.66
N MET A 511 0.64 -6.70 -3.86
CA MET A 511 1.67 -5.72 -3.49
C MET A 511 1.12 -4.87 -2.36
N ILE A 512 1.64 -5.07 -1.16
CA ILE A 512 1.15 -4.38 0.02
C ILE A 512 2.29 -3.61 0.64
N THR A 513 2.34 -2.33 0.31
CA THR A 513 3.53 -1.53 0.59
C THR A 513 3.09 -0.13 0.97
N SER A 514 3.91 0.56 1.76
CA SER A 514 3.59 1.92 2.20
C SER A 514 4.15 2.93 1.20
N GLY A 515 3.26 3.54 0.43
CA GLY A 515 3.68 4.40 -0.68
C GLY A 515 3.52 5.89 -0.44
N GLY A 516 2.36 6.30 0.06
CA GLY A 516 2.08 7.71 0.27
C GLY A 516 2.88 8.33 1.41
N LEU A 517 2.78 7.73 2.60
CA LEU A 517 3.52 8.22 3.75
C LEU A 517 4.92 7.63 3.76
N GLY A 518 5.06 6.38 3.31
CA GLY A 518 6.35 5.71 3.24
C GLY A 518 6.93 5.36 4.60
N THR A 519 6.21 4.54 5.36
CA THR A 519 6.57 4.23 6.74
C THR A 519 7.52 3.05 6.88
N MET A 520 8.75 3.30 7.32
CA MET A 520 9.64 2.19 7.69
C MET A 520 9.02 1.40 8.85
N GLY A 521 9.20 0.08 8.84
CA GLY A 521 8.69 -0.76 9.91
C GLY A 521 7.36 -1.38 9.54
N TYR A 522 6.83 -0.97 8.40
CA TYR A 522 5.54 -1.42 7.90
C TYR A 522 5.51 -2.90 7.50
N GLY A 523 6.62 -3.36 6.92
CA GLY A 523 6.68 -4.67 6.30
C GLY A 523 6.27 -5.87 7.13
N LEU A 524 6.87 -5.99 8.31
CA LEU A 524 6.60 -7.16 9.15
C LEU A 524 5.14 -7.19 9.67
N PRO A 525 4.67 -6.10 10.32
CA PRO A 525 3.28 -6.19 10.78
C PRO A 525 2.26 -6.26 9.63
N ALA A 526 2.49 -5.55 8.52
CA ALA A 526 1.59 -5.68 7.37
C ALA A 526 1.52 -7.14 6.88
N ALA A 527 2.66 -7.83 6.86
CA ALA A 527 2.69 -9.24 6.46
C ALA A 527 1.86 -10.13 7.38
N ILE A 528 1.94 -9.89 8.69
CA ILE A 528 1.15 -10.66 9.64
C ILE A 528 -0.34 -10.47 9.39
N GLY A 529 -0.74 -9.22 9.17
CA GLY A 529 -2.14 -8.92 8.86
C GLY A 529 -2.62 -9.54 7.56
N ALA A 530 -1.80 -9.47 6.52
CA ALA A 530 -2.14 -10.07 5.24
C ALA A 530 -2.23 -11.60 5.36
N GLN A 531 -1.34 -12.17 6.16
CA GLN A 531 -1.32 -13.61 6.33
C GLN A 531 -2.56 -14.08 7.10
N VAL A 532 -3.03 -13.25 8.03
CA VAL A 532 -4.26 -13.54 8.75
C VAL A 532 -5.47 -13.43 7.80
N ALA A 533 -5.47 -12.41 6.95
CA ALA A 533 -6.52 -12.26 5.94
C ALA A 533 -6.52 -13.44 4.98
N LYS A 534 -5.32 -13.95 4.66
CA LYS A 534 -5.16 -15.00 3.66
C LYS A 534 -4.33 -16.18 4.16
N PRO A 535 -4.92 -17.01 5.02
CA PRO A 535 -4.20 -18.11 5.71
C PRO A 535 -3.51 -19.08 4.75
N ASP A 536 -4.00 -19.20 3.53
CA ASP A 536 -3.43 -20.14 2.55
C ASP A 536 -2.45 -19.50 1.57
N ALA A 537 -2.21 -18.19 1.68
CA ALA A 537 -1.25 -17.55 0.80
C ALA A 537 0.18 -17.67 1.33
N ILE A 538 1.14 -17.62 0.41
CA ILE A 538 2.53 -17.37 0.77
C ILE A 538 2.65 -15.88 0.94
N VAL A 539 3.13 -15.45 2.11
CA VAL A 539 3.25 -14.02 2.38
C VAL A 539 4.71 -13.69 2.65
N ILE A 540 5.26 -12.81 1.83
CA ILE A 540 6.68 -12.50 1.88
C ILE A 540 6.90 -11.04 2.18
N ASP A 541 7.68 -10.78 3.22
CA ASP A 541 8.08 -9.43 3.58
C ASP A 541 9.50 -9.18 3.08
N ILE A 542 9.61 -8.42 2.00
CA ILE A 542 10.91 -7.96 1.50
C ILE A 542 11.27 -6.71 2.29
N ASP A 543 12.22 -6.82 3.20
CA ASP A 543 12.48 -5.76 4.17
C ASP A 543 13.93 -5.28 4.13
N GLY A 544 14.13 -3.99 4.38
CA GLY A 544 15.46 -3.46 4.57
C GLY A 544 15.85 -3.70 6.02
N ASP A 545 17.15 -3.69 6.31
CA ASP A 545 17.61 -3.95 7.66
C ASP A 545 17.22 -2.80 8.60
N ALA A 546 17.30 -1.56 8.12
CA ALA A 546 16.92 -0.44 8.95
C ALA A 546 15.41 -0.42 9.20
N SER A 547 14.62 -0.69 8.15
CA SER A 547 13.17 -0.77 8.29
C SER A 547 12.75 -1.86 9.25
N PHE A 548 13.31 -3.05 9.04
CA PHE A 548 13.02 -4.20 9.87
C PHE A 548 13.36 -3.94 11.34
N ASN A 549 14.48 -3.27 11.59
CA ASN A 549 14.89 -2.92 12.96
C ASN A 549 13.86 -2.11 13.70
N MET A 550 12.98 -1.46 12.97
CA MET A 550 12.09 -0.52 13.60
C MET A 550 10.95 -1.21 14.33
N THR A 551 10.53 -2.37 13.87
CA THR A 551 9.39 -3.05 14.45
C THR A 551 9.63 -4.54 14.64
N LEU A 552 10.90 -4.94 14.73
CA LEU A 552 11.24 -6.37 14.76
C LEU A 552 10.64 -7.13 15.96
N THR A 553 10.18 -6.41 16.97
CA THR A 553 9.57 -7.06 18.12
C THR A 553 8.30 -7.83 17.72
N GLU A 554 7.67 -7.44 16.61
CA GLU A 554 6.43 -8.08 16.19
C GLU A 554 6.63 -9.50 15.64
N LEU A 555 7.88 -9.95 15.54
CA LEU A 555 8.16 -11.35 15.24
C LEU A 555 7.42 -12.31 16.19
N SER A 556 7.47 -12.03 17.49
CA SER A 556 6.76 -12.82 18.49
CA SER A 556 6.78 -12.87 18.45
C SER A 556 5.27 -12.86 18.19
N SER A 557 4.74 -11.76 17.67
CA SER A 557 3.32 -11.68 17.34
C SER A 557 2.93 -12.64 16.22
N ALA A 558 3.82 -12.82 15.24
CA ALA A 558 3.57 -13.74 14.16
C ALA A 558 3.44 -15.17 14.69
N VAL A 559 4.31 -15.53 15.62
CA VAL A 559 4.26 -16.85 16.23
C VAL A 559 2.99 -17.02 17.02
N GLN A 560 2.64 -16.01 17.80
CA GLN A 560 1.48 -16.11 18.69
C GLN A 560 0.18 -16.15 17.88
N ALA A 561 0.16 -15.47 16.73
CA ALA A 561 -1.02 -15.47 15.86
C ALA A 561 -1.09 -16.69 14.94
N GLY A 562 -0.05 -17.51 14.92
CA GLY A 562 0.00 -18.63 13.98
C GLY A 562 0.11 -18.19 12.52
N ALA A 563 0.82 -17.08 12.29
CA ALA A 563 0.98 -16.54 10.94
C ALA A 563 2.35 -16.88 10.37
N PRO A 564 2.42 -17.87 9.48
CA PRO A 564 3.69 -18.39 8.95
C PRO A 564 4.31 -17.50 7.87
N ILE A 565 4.48 -16.22 8.20
CA ILE A 565 5.05 -15.23 7.29
C ILE A 565 6.51 -15.54 6.95
N LYS A 566 6.97 -14.97 5.84
CA LYS A 566 8.33 -15.18 5.38
C LYS A 566 9.03 -13.83 5.25
N VAL A 567 9.90 -13.53 6.21
CA VAL A 567 10.62 -12.26 6.21
C VAL A 567 12.00 -12.42 5.61
N CYS A 568 12.28 -11.66 4.55
CA CYS A 568 13.61 -11.59 3.96
C CYS A 568 14.24 -10.22 4.24
N VAL A 569 15.30 -10.21 5.04
CA VAL A 569 15.98 -8.96 5.34
C VAL A 569 17.20 -8.77 4.44
N LEU A 570 17.18 -7.72 3.63
CA LEU A 570 18.34 -7.38 2.82
C LEU A 570 19.31 -6.61 3.68
N ASN A 571 20.32 -7.31 4.17
CA ASN A 571 21.30 -6.70 5.05
C ASN A 571 22.43 -6.03 4.28
N ASN A 572 22.34 -4.71 4.08
CA ASN A 572 23.45 -3.94 3.52
C ASN A 572 24.07 -3.02 4.58
N GLU A 573 23.63 -3.19 5.82
CA GLU A 573 24.16 -2.44 6.96
C GLU A 573 24.10 -0.94 6.74
N GLU A 574 23.11 -0.47 6.00
CA GLU A 574 22.96 0.94 5.72
C GLU A 574 21.50 1.31 5.50
N GLN A 575 21.22 2.60 5.64
CA GLN A 575 19.95 3.16 5.18
C GLN A 575 20.16 3.51 3.69
N GLY A 576 20.02 2.48 2.85
CA GLY A 576 20.45 2.54 1.47
C GLY A 576 19.91 3.68 0.63
N MET A 577 18.61 3.94 0.78
N MET A 577 18.61 3.94 0.77
CA MET A 577 17.95 4.98 -0.01
CA MET A 577 17.98 4.99 -0.01
C MET A 577 18.44 6.37 0.37
C MET A 577 18.51 6.36 0.36
N VAL A 578 18.76 6.58 1.64
CA VAL A 578 19.30 7.86 2.09
C VAL A 578 20.76 8.00 1.66
N THR A 579 21.54 6.92 1.77
CA THR A 579 22.95 6.99 1.37
C THR A 579 23.06 7.18 -0.15
N GLN A 580 22.09 6.65 -0.90
CA GLN A 580 22.05 6.87 -2.34
C GLN A 580 21.94 8.37 -2.62
N TRP A 581 21.08 9.06 -1.87
CA TRP A 581 20.91 10.50 -2.02
C TRP A 581 22.14 11.28 -1.52
N GLN A 582 22.78 10.76 -0.47
CA GLN A 582 23.97 11.41 0.06
C GLN A 582 25.17 11.23 -0.89
N SER A 583 25.25 10.08 -1.55
CA SER A 583 26.28 9.86 -2.57
C SER A 583 26.10 10.83 -3.74
N LEU A 584 24.85 11.03 -4.09
CA LEU A 584 24.48 11.77 -5.28
C LEU A 584 24.52 13.29 -5.05
N PHE A 585 23.96 13.74 -3.94
CA PHE A 585 23.77 15.17 -3.74
C PHE A 585 24.65 15.78 -2.66
N TYR A 586 25.28 14.96 -1.82
CA TYR A 586 26.08 15.52 -0.73
C TYR A 586 27.49 14.96 -0.69
N GLU A 587 28.03 14.65 -1.87
CA GLU A 587 29.43 14.30 -2.05
C GLU A 587 29.90 13.19 -1.10
N HIS A 588 29.07 12.16 -0.95
CA HIS A 588 29.40 10.98 -0.16
C HIS A 588 29.64 11.32 1.31
N ARG A 589 28.91 12.30 1.81
CA ARG A 589 28.91 12.62 3.23
CA ARG A 589 28.91 12.62 3.23
C ARG A 589 27.77 11.86 3.91
N TYR A 590 28.07 10.67 4.41
CA TYR A 590 27.03 9.82 4.99
C TYR A 590 26.79 10.21 6.44
N SER A 591 25.82 11.10 6.64
CA SER A 591 25.51 11.61 7.96
C SER A 591 24.50 10.73 8.67
N HIS A 592 25.00 9.97 9.66
CA HIS A 592 24.18 9.14 10.53
C HIS A 592 23.20 8.23 9.78
N THR A 593 23.72 7.51 8.80
CA THR A 593 22.89 6.63 7.99
C THR A 593 23.40 5.20 8.01
N HIS A 594 24.19 4.89 9.03
CA HIS A 594 24.67 3.53 9.25
C HIS A 594 24.40 3.09 10.68
N GLN A 595 23.31 2.37 10.86
CA GLN A 595 22.93 1.87 12.18
C GLN A 595 23.50 0.47 12.36
N SER A 596 23.73 0.09 13.62
CA SER A 596 24.23 -1.25 13.92
C SER A 596 23.09 -2.27 13.91
N ASN A 597 23.33 -3.41 13.27
CA ASN A 597 22.33 -4.48 13.23
C ASN A 597 22.54 -5.53 14.33
N PRO A 598 21.44 -6.05 14.87
CA PRO A 598 21.57 -7.23 15.72
C PRO A 598 21.99 -8.45 14.89
N ASP A 599 22.40 -9.52 15.56
CA ASP A 599 22.56 -10.83 14.92
C ASP A 599 21.17 -11.37 14.61
N PHE A 600 20.79 -11.36 13.34
CA PHE A 600 19.41 -11.67 12.97
C PHE A 600 19.07 -13.15 13.20
N MET A 601 20.06 -14.03 13.11
CA MET A 601 19.84 -15.45 13.37
C MET A 601 19.57 -15.73 14.84
N LYS A 602 20.30 -15.06 15.73
CA LYS A 602 20.05 -15.22 17.16
C LYS A 602 18.77 -14.50 17.55
N LEU A 603 18.48 -13.38 16.91
CA LEU A 603 17.20 -12.70 17.11
C LEU A 603 16.02 -13.62 16.79
N ALA A 604 16.06 -14.26 15.62
CA ALA A 604 15.01 -15.19 15.20
C ALA A 604 14.84 -16.33 16.22
N GLU A 605 15.95 -16.90 16.63
CA GLU A 605 15.93 -17.96 17.62
C GLU A 605 15.27 -17.48 18.92
N SER A 606 15.53 -16.24 19.33
CA SER A 606 14.97 -15.74 20.57
C SER A 606 13.46 -15.53 20.43
N MET A 607 13.01 -15.31 19.21
CA MET A 607 11.60 -15.08 18.93
C MET A 607 10.86 -16.39 18.61
N ASN A 608 11.60 -17.50 18.67
CA ASN A 608 11.05 -18.80 18.27
C ASN A 608 10.68 -18.86 16.78
N VAL A 609 11.51 -18.22 15.95
CA VAL A 609 11.28 -18.18 14.50
C VAL A 609 12.45 -18.86 13.78
N LYS A 610 12.15 -19.63 12.74
CA LYS A 610 13.20 -20.27 11.94
C LYS A 610 14.11 -19.20 11.33
N GLY A 611 15.42 -19.44 11.37
CA GLY A 611 16.36 -18.48 10.80
C GLY A 611 17.24 -19.08 9.71
N ILE A 612 17.37 -18.34 8.60
CA ILE A 612 18.24 -18.74 7.50
C ILE A 612 19.15 -17.56 7.16
N ARG A 613 20.43 -17.82 7.00
CA ARG A 613 21.35 -16.75 6.61
C ARG A 613 22.09 -17.10 5.32
N ILE A 614 21.96 -16.25 4.32
CA ILE A 614 22.67 -16.40 3.06
C ILE A 614 23.80 -15.37 2.97
N THR A 615 25.05 -15.84 2.86
CA THR A 615 26.18 -14.92 2.90
C THR A 615 26.94 -14.83 1.56
N ASN A 616 26.77 -15.81 0.68
CA ASN A 616 27.47 -15.77 -0.62
C ASN A 616 26.61 -16.26 -1.78
N GLN A 617 27.10 -16.00 -2.99
CA GLN A 617 26.39 -16.31 -4.22
C GLN A 617 26.00 -17.78 -4.31
N GLN A 618 26.89 -18.65 -3.88
CA GLN A 618 26.68 -20.09 -4.02
C GLN A 618 25.55 -20.63 -3.12
N GLU A 619 25.12 -19.83 -2.15
CA GLU A 619 24.07 -20.25 -1.22
C GLU A 619 22.71 -19.67 -1.60
N LEU A 620 22.68 -18.82 -2.63
CA LEU A 620 21.47 -18.04 -2.93
C LEU A 620 20.26 -18.91 -3.26
N LYS A 621 20.42 -19.81 -4.22
CA LYS A 621 19.33 -20.65 -4.71
C LYS A 621 18.77 -21.56 -3.63
N SER A 622 19.65 -22.33 -2.99
CA SER A 622 19.24 -23.29 -1.98
C SER A 622 18.71 -22.58 -0.73
N GLY A 623 19.23 -21.40 -0.44
CA GLY A 623 18.77 -20.63 0.69
C GLY A 623 17.36 -20.10 0.49
N VAL A 624 17.10 -19.58 -0.70
CA VAL A 624 15.76 -19.08 -1.02
C VAL A 624 14.74 -20.24 -1.05
N LYS A 625 15.16 -21.42 -1.49
CA LYS A 625 14.25 -22.56 -1.53
CA LYS A 625 14.27 -22.57 -1.54
C LYS A 625 13.84 -23.01 -0.13
N GLU A 626 14.82 -23.07 0.78
CA GLU A 626 14.55 -23.43 2.17
C GLU A 626 13.57 -22.45 2.80
N PHE A 627 13.74 -21.19 2.40
CA PHE A 627 12.93 -20.07 2.84
C PHE A 627 11.48 -20.27 2.43
N LEU A 628 11.27 -20.56 1.15
CA LEU A 628 9.92 -20.71 0.60
C LEU A 628 9.27 -22.03 1.01
N ASP A 629 10.08 -23.08 1.13
CA ASP A 629 9.59 -24.39 1.56
C ASP A 629 9.16 -24.46 3.03
N ALA A 630 9.58 -23.50 3.84
CA ALA A 630 9.27 -23.53 5.27
C ALA A 630 7.76 -23.43 5.52
N THR A 631 7.29 -24.11 6.56
CA THR A 631 5.88 -24.10 6.91
C THR A 631 5.61 -23.41 8.24
N GLU A 632 6.60 -22.63 8.69
CA GLU A 632 6.54 -21.91 9.94
C GLU A 632 7.03 -20.49 9.67
N PRO A 633 6.79 -19.55 10.60
CA PRO A 633 7.40 -18.23 10.40
C PRO A 633 8.91 -18.36 10.20
N VAL A 634 9.47 -17.59 9.29
CA VAL A 634 10.88 -17.76 8.99
C VAL A 634 11.53 -16.43 8.65
N LEU A 635 12.73 -16.23 9.18
CA LEU A 635 13.50 -15.03 8.88
CA LEU A 635 13.52 -15.03 8.90
C LEU A 635 14.72 -15.41 8.04
N LEU A 636 14.75 -14.87 6.83
CA LEU A 636 15.90 -15.05 5.96
C LEU A 636 16.73 -13.77 5.95
N GLU A 637 17.98 -13.87 6.37
CA GLU A 637 18.91 -12.76 6.23
C GLU A 637 19.82 -12.98 5.02
N VAL A 638 19.90 -11.98 4.14
CA VAL A 638 20.81 -12.07 2.99
C VAL A 638 21.80 -10.92 3.02
N ILE A 639 23.09 -11.25 3.03
CA ILE A 639 24.15 -10.24 2.94
C ILE A 639 24.23 -9.74 1.50
N VAL A 640 23.93 -8.47 1.26
CA VAL A 640 23.91 -7.96 -0.11
C VAL A 640 24.88 -6.81 -0.30
N GLU A 641 25.24 -6.55 -1.56
CA GLU A 641 26.15 -5.48 -1.94
C GLU A 641 25.70 -4.14 -1.37
N LYS A 642 26.67 -3.37 -0.86
CA LYS A 642 26.40 -2.04 -0.33
C LYS A 642 26.64 -0.93 -1.35
N LYS A 643 26.06 0.24 -1.11
CA LYS A 643 26.27 1.42 -1.96
C LYS A 643 25.95 1.14 -3.42
N VAL A 644 24.76 0.59 -3.65
CA VAL A 644 24.26 0.32 -4.99
C VAL A 644 23.02 1.18 -5.21
N PRO A 645 23.04 2.03 -6.25
CA PRO A 645 21.87 2.89 -6.50
C PRO A 645 20.70 2.16 -7.17
N VAL A 646 19.49 2.56 -6.82
CA VAL A 646 18.31 2.17 -7.58
C VAL A 646 18.26 2.99 -8.87
N LEU A 647 18.23 2.30 -10.01
CA LEU A 647 18.10 2.91 -11.32
C LEU A 647 17.06 2.13 -12.12
N PRO A 648 16.36 2.79 -13.05
CA PRO A 648 16.47 4.21 -13.44
C PRO A 648 16.01 5.16 -12.35
N MET A 649 16.33 6.44 -12.52
CA MET A 649 15.93 7.45 -11.56
C MET A 649 15.61 8.75 -12.25
N VAL A 650 14.42 9.28 -11.98
CA VAL A 650 14.09 10.63 -12.36
C VAL A 650 14.35 11.55 -11.17
N PRO A 651 15.45 12.30 -11.22
CA PRO A 651 15.81 13.22 -10.11
C PRO A 651 14.75 14.28 -9.91
N ALA A 652 14.55 14.71 -8.66
CA ALA A 652 13.58 15.75 -8.34
C ALA A 652 13.78 16.99 -9.21
N GLY A 653 12.71 17.50 -9.79
CA GLY A 653 12.78 18.66 -10.67
C GLY A 653 12.91 18.34 -12.15
N LYS A 654 13.26 17.10 -12.47
CA LYS A 654 13.44 16.71 -13.88
C LYS A 654 12.14 16.19 -14.48
N ALA A 655 12.01 16.35 -15.80
CA ALA A 655 10.87 15.79 -16.53
C ALA A 655 10.88 14.28 -16.41
N LEU A 656 9.69 13.70 -16.52
CA LEU A 656 9.52 12.26 -16.35
C LEU A 656 10.34 11.44 -17.34
N ASP A 657 10.72 12.04 -18.46
CA ASP A 657 11.57 11.35 -19.42
C ASP A 657 13.02 11.86 -19.43
N ASP A 658 13.39 12.60 -18.39
CA ASP A 658 14.77 13.04 -18.23
C ASP A 658 15.39 12.26 -17.06
N PHE A 659 15.64 10.97 -17.32
CA PHE A 659 16.02 10.01 -16.29
C PHE A 659 17.49 9.60 -16.35
N ILE A 660 18.01 9.12 -15.23
CA ILE A 660 19.32 8.50 -15.19
C ILE A 660 19.19 7.00 -15.43
N LEU A 661 20.00 6.46 -16.33
CA LEU A 661 19.99 5.03 -16.64
C LEU A 661 21.22 4.35 -16.06
N TRP A 662 21.13 3.04 -15.80
CA TRP A 662 22.30 2.32 -15.34
C TRP A 662 23.37 2.25 -16.41
N ASP A 663 24.61 2.49 -16.00
CA ASP A 663 25.76 2.36 -16.89
C ASP A 663 26.96 1.78 -16.13
N ALA A 664 27.54 0.71 -16.67
CA ALA A 664 28.60 -0.03 -15.97
C ALA A 664 29.82 0.83 -15.68
N GLU A 665 30.24 1.62 -16.66
CA GLU A 665 31.43 2.46 -16.49
C GLU A 665 31.18 3.57 -15.47
N VAL A 666 29.99 4.15 -15.52
CA VAL A 666 29.61 5.18 -14.56
C VAL A 666 29.63 4.62 -13.15
N GLU A 667 29.07 3.42 -12.96
CA GLU A 667 29.06 2.79 -11.64
C GLU A 667 30.48 2.60 -11.14
N LYS A 668 31.37 2.13 -12.02
CA LYS A 668 32.76 1.90 -11.64
C LYS A 668 33.43 3.19 -11.19
N GLN A 669 33.24 4.26 -11.96
CA GLN A 669 33.80 5.56 -11.60
C GLN A 669 33.21 6.07 -10.29
N GLN A 670 31.90 5.87 -10.12
CA GLN A 670 31.22 6.27 -8.89
C GLN A 670 31.84 5.57 -7.67
N ASN A 671 32.16 4.29 -7.84
CA ASN A 671 32.78 3.52 -6.75
C ASN A 671 34.16 4.08 -6.39
N ASP A 672 34.94 4.41 -7.42
CA ASP A 672 36.27 4.97 -7.22
C ASP A 672 36.20 6.30 -6.48
N LEU A 673 35.25 7.13 -6.87
CA LEU A 673 35.07 8.44 -6.26
C LEU A 673 34.64 8.30 -4.80
N ARG A 674 33.68 7.40 -4.55
CA ARG A 674 33.22 7.14 -3.18
C ARG A 674 34.39 6.65 -2.32
N LYS A 675 35.19 5.76 -2.90
CA LYS A 675 36.32 5.16 -2.18
C LYS A 675 37.33 6.21 -1.76
N GLU A 676 37.72 7.07 -2.71
CA GLU A 676 38.68 8.13 -2.44
C GLU A 676 38.14 9.17 -1.45
N ARG A 677 36.90 9.61 -1.67
CA ARG A 677 36.30 10.65 -0.82
C ARG A 677 36.13 10.20 0.63
N THR A 678 35.90 8.91 0.84
CA THR A 678 35.68 8.40 2.19
C THR A 678 36.94 7.73 2.74
N GLY A 679 38.04 7.86 2.00
CA GLY A 679 39.31 7.28 2.41
C GLY A 679 39.28 5.76 2.46
N GLY A 680 38.42 5.17 1.63
CA GLY A 680 38.33 3.73 1.53
C GLY A 680 37.38 3.11 2.53
N LYS A 681 36.75 3.94 3.35
CA LYS A 681 35.78 3.46 4.33
C LYS A 681 34.52 2.94 3.66
N TYR A 682 34.22 3.47 2.47
CA TYR A 682 33.04 3.04 1.73
C TYR A 682 33.38 2.82 0.26
PA FAD B . -3.39 6.01 -4.39
O1A FAD B . -4.14 5.19 -3.33
O2A FAD B . -2.39 6.95 -3.75
O5B FAD B . -4.47 6.88 -5.18
C5B FAD B . -5.60 6.16 -5.75
C4B FAD B . -6.49 7.17 -6.45
O4B FAD B . -7.62 6.48 -6.99
C3B FAD B . -7.02 8.15 -5.46
O3B FAD B . -7.22 9.42 -6.10
C2B FAD B . -8.29 7.54 -5.04
O2B FAD B . -9.21 8.52 -4.53
C1B FAD B . -8.79 6.95 -6.29
N9A FAD B . -9.69 5.89 -6.06
C8A FAD B . -9.71 5.07 -5.01
N7A FAD B . -10.71 4.19 -5.17
C5A FAD B . -11.35 4.46 -6.36
C6A FAD B . -12.45 3.91 -7.08
N6A FAD B . -13.17 2.83 -6.58
N1A FAD B . -12.81 4.46 -8.27
C2A FAD B . -12.14 5.48 -8.76
N3A FAD B . -11.10 6.03 -8.12
C4A FAD B . -10.69 5.55 -6.93
N1 FAD B . 4.98 5.17 -7.00
C2 FAD B . 5.11 4.98 -8.41
O2 FAD B . 4.12 4.76 -9.06
N3 FAD B . 6.34 5.06 -9.00
C4 FAD B . 7.47 5.31 -8.26
O4 FAD B . 8.56 5.38 -8.79
C4X FAD B . 7.35 5.51 -6.76
N5 FAD B . 8.47 5.76 -5.97
C5X FAD B . 8.33 5.58 -4.62
C6 FAD B . 9.49 5.49 -3.85
C7 FAD B . 9.39 5.32 -2.47
C7M FAD B . 10.68 5.21 -1.65
C8 FAD B . 8.14 5.26 -1.86
C8M FAD B . 8.04 5.07 -0.34
C9 FAD B . 6.97 5.35 -2.63
C9A FAD B . 7.07 5.53 -4.02
N10 FAD B . 5.94 5.61 -4.82
C10 FAD B . 6.10 5.43 -6.18
C1' FAD B . 4.63 5.52 -4.29
C2' FAD B . 3.88 6.86 -4.48
O2' FAD B . 4.33 7.77 -3.50
C3' FAD B . 2.33 6.67 -4.28
O3' FAD B . 2.11 6.05 -3.09
C4' FAD B . 1.72 5.86 -5.39
O4' FAD B . 2.33 6.18 -6.66
C5' FAD B . 0.27 6.19 -5.48
O5' FAD B . -0.30 5.28 -6.39
P FAD B . -1.88 5.37 -6.69
O1P FAD B . -2.23 6.76 -7.22
O2P FAD B . -2.24 4.30 -7.69
O3P FAD B . -2.68 5.03 -5.38
K K C . 8.17 -6.07 -12.97
MG MG D . 19.49 -1.16 4.35
O01 6R4 E . 11.68 13.91 -3.19
C02 6R4 E . 12.62 14.03 -2.36
N03 6R4 E . 13.00 15.37 -1.91
S04 6R4 E . 12.19 16.68 -2.50
C05 6R4 E . 10.39 16.49 -2.45
C06 6R4 E . 9.65 16.98 -3.54
C07 6R4 E . 8.28 16.86 -3.56
C08 6R4 E . 7.62 16.24 -2.48
C09 6R4 E . 8.35 15.76 -1.40
C10 6R4 E . 9.74 15.88 -1.38
C11 6R4 E . 10.50 15.34 -0.18
O12 6R4 E . 10.53 13.94 0.06
C13 6R4 E . 11.25 13.56 1.20
O14 6R4 E . 11.09 16.12 0.58
O15 6R4 E . 12.63 16.99 -3.85
O16 6R4 E . 12.61 17.87 -1.79
N17 6R4 E . 13.31 12.89 -1.86
N18 6R4 E . 13.02 11.55 -2.21
C19 6R4 E . 13.94 10.72 -1.51
O20 6R4 E . 14.01 9.32 -1.57
C21 6R4 E . 12.74 8.70 -1.69
C22 6R4 E . 12.53 8.48 -3.19
C23 6R4 E . 11.05 8.36 -3.48
N24 6R4 E . 14.78 11.54 -0.71
C25 6R4 E . 15.83 11.02 0.14
C26 6R4 E . 14.40 12.89 -0.92
O27 6R4 E . 14.91 13.88 -0.40
N1' TZD F . 11.79 7.17 9.31
C2' TZD F . 10.67 6.45 9.02
C2A TZD F . 9.79 5.90 10.16
N3' TZD F . 10.31 6.23 7.73
C4' TZD F . 11.08 6.73 6.72
N4' TZD F . 10.67 6.49 5.39
C5' TZD F . 12.22 7.46 7.00
C6' TZD F . 12.57 7.66 8.31
C35 TZD F . 13.11 8.03 5.91
N3 TZD F . 13.74 7.00 5.11
C2 TZD F . 13.31 6.58 3.82
OC2 TZD F . 12.39 7.19 3.25
S1 TZD F . 14.14 5.33 3.34
C5 TZD F . 15.19 5.16 4.47
C4 TZD F . 14.97 6.15 5.50
C4A TZD F . 15.79 6.36 6.78
C5A TZD F . 16.32 4.12 4.55
C5B TZD F . 15.71 2.77 4.73
O5G TZD F . 16.74 1.80 4.97
P1 TZD F . 16.47 0.27 4.79
O11 TZD F . 16.28 -0.07 3.26
O12 TZD F . 17.67 -0.45 5.30
O13 TZD F . 15.25 -0.16 5.51
P2 TZD F . 17.36 0.11 2.09
O21 TZD F . 18.77 -0.05 2.60
O22 TZD F . 17.04 -0.96 1.08
O23 TZD F . 17.22 1.47 1.47
#